data_7G77
#
_entry.id   7G77
#
_cell.length_a   84.279
_cell.length_b   92.065
_cell.length_c   120.974
_cell.angle_alpha   90.000
_cell.angle_beta   90.000
_cell.angle_gamma   90.000
#
_symmetry.space_group_name_H-M   'P 21 21 21'
#
loop_
_entity.id
_entity.type
_entity.pdbx_description
1 polymer 'Isoform 2 of Ectonucleotide pyrophosphatase/phosphodiesterase family member 2'
2 branched alpha-D-mannopyranose-(1-2)-alpha-D-mannopyranose-(1-3)-[alpha-D-mannopyranose-(1-6)]alpha-D-mannopyranose-(1-6)-[alpha-D-mannopyranose-(1-2)-alpha-D-mannopyranose-(1-3)]beta-D-mannopyranose-(1-4)-2-acetamido-2-deoxy-beta-D-glucopyranose-(1-4)-2-acetamido-2-deoxy-beta-D-glucopyranose
3 non-polymer 2-[6-(1-acetylpiperidin-4-yl)-4-oxoquinazolin-3(4H)-yl]-N-[(3-chloro-4-cyanophenyl)methyl]-N-methylacetamide
4 non-polymer 'CHLORIDE ION'
5 non-polymer 'ACETATE ION'
6 non-polymer 'ZINC ION'
7 non-polymer 'SODIUM ION'
8 non-polymer 'CALCIUM ION'
9 non-polymer 'POTASSIUM ION'
10 water water
#
_entity_poly.entity_id   1
_entity_poly.type   'polypeptide(L)'
_entity_poly.pdbx_seq_one_letter_code
;FTASRIKRAEWDEGPPTVLSDSPWTATSGSCKGRCFELQEVGPPDCRCDNLCKSYSSCCHDFDELCLKTARGWECTKDRC
GEVRNEENACHCSEDCLSRGDCCTNYQVVCKGESHWVDDDCEEIKVPECPAGFVRPPLIIFSVDGFRASYMKKGSKVMPN
IEKLRSCGTHAPYMRPVYPTKTFPNLYTLATGLYPESHGIVGNSMYDPVFDASFHLRGREKFNHRWWGGQPLWITATKQG
VRAGTFFWSVSIPHERRILTILQWLSLPDNERPSVYAFYSEQPDFSGHKYGPFGPEMTNPLREIDKTVGQLMDGLKQLRL
HRCVNVIFVGDHGMEDVTCDRTEFLSNYLTNVDDITLVPGTLGRIRAKSINNSKYDPKTIIAALTCKKPDQHFKPYMKQH
LPKRLHYANNRRIEDIHLLVDRRWHVARKPLDVYKKPSGKCFFQGDHGFDNKVNSMQTVFVGYGPTFKYRTKVPPFENIE
LYNVMCDLLGLKPAPNNGTHGSLNHLLRTNTFRPTMPDEVSRPNYPGIMYLQSEFDLGCTCDDKVEPKNKLEELNKRLHT
KGSTKERHLLYGRPAVLYRTSYDILYHTDFESGYSEIFLMPLWTSYTISKQAEVSSIPEHLTNCVRPDVRVSPGFSQNCL
AYKNDKQMSYGFLFPPYLSSSPEAKYDAFLVTNMVPMYPAFKRVWAYFQRVLVKKYASERNGVNVISGPIFDYNYDGLRD
TEDEIKQYVEGSSIPVPTHYYSIITSCLDFTQPADKCDGPLSVSSFILPHRPDNDESCNSSEDESKWVEELMKMHTARVR
DIEHLTGLDFYRKTSRSYSEILTLKTYLHTYESEIGGRHHHHHHHH
;
_entity_poly.pdbx_strand_id   A
#
loop_
_chem_comp.id
_chem_comp.type
_chem_comp.name
_chem_comp.formula
ACT non-polymer 'ACETATE ION' 'C2 H3 O2 -1'
BMA D-saccharide, beta linking beta-D-mannopyranose 'C6 H12 O6'
CA non-polymer 'CALCIUM ION' 'Ca 2'
CL non-polymer 'CHLORIDE ION' 'Cl -1'
K non-polymer 'POTASSIUM ION' 'K 1'
MAN D-saccharide, alpha linking alpha-D-mannopyranose 'C6 H12 O6'
NA non-polymer 'SODIUM ION' 'Na 1'
NAG D-saccharide, beta linking 2-acetamido-2-deoxy-beta-D-glucopyranose 'C8 H15 N O6'
XXI non-polymer 2-[6-(1-acetylpiperidin-4-yl)-4-oxoquinazolin-3(4H)-yl]-N-[(3-chloro-4-cyanophenyl)methyl]-N-methylacetamide 'C26 H26 Cl N5 O3'
ZN non-polymer 'ZINC ION' 'Zn 2'
#
# COMPACT_ATOMS: atom_id res chain seq x y z
N THR A 27 -5.67 -42.26 5.37
CA THR A 27 -6.50 -43.50 5.45
C THR A 27 -7.17 -43.72 6.82
N SER A 28 -6.43 -44.23 7.81
CA SER A 28 -7.05 -44.89 8.99
C SER A 28 -6.87 -44.23 10.38
N GLY A 29 -7.89 -44.42 11.25
CA GLY A 29 -7.95 -43.78 12.59
C GLY A 29 -9.31 -43.11 12.83
N SER A 30 -9.50 -42.52 14.00
CA SER A 30 -10.76 -41.86 14.35
C SER A 30 -10.59 -40.43 14.91
N CYS A 31 -11.62 -39.58 14.75
CA CYS A 31 -11.64 -38.23 15.32
C CYS A 31 -12.26 -38.16 16.71
N LYS A 32 -12.57 -39.30 17.32
CA LYS A 32 -13.14 -39.31 18.66
C LYS A 32 -12.23 -38.49 19.60
N GLY A 33 -12.81 -37.52 20.28
CA GLY A 33 -12.04 -36.62 21.18
C GLY A 33 -11.02 -35.69 20.52
N ARG A 34 -11.10 -35.53 19.19
CA ARG A 34 -10.10 -34.79 18.41
C ARG A 34 -10.74 -33.75 17.48
N CYS A 35 -12.04 -33.50 17.58
CA CYS A 35 -12.71 -32.61 16.61
C CYS A 35 -12.05 -31.22 16.56
N PHE A 36 -11.65 -30.76 15.36
CA PHE A 36 -11.04 -29.43 15.24
C PHE A 36 -9.80 -29.29 16.16
N GLU A 37 -8.99 -30.34 16.15
CA GLU A 37 -7.74 -30.34 16.90
C GLU A 37 -6.85 -29.23 16.37
N LEU A 38 -6.13 -28.58 17.27
CA LEU A 38 -5.25 -27.47 16.89
C LEU A 38 -3.94 -27.92 16.26
N GLN A 39 -3.36 -29.04 16.67
CA GLN A 39 -2.10 -29.46 16.04
C GLN A 39 -2.40 -30.45 14.93
N GLU A 40 -1.90 -30.17 13.74
CA GLU A 40 -2.10 -31.02 12.59
C GLU A 40 -1.14 -32.21 12.69
N VAL A 41 -1.65 -33.41 12.39
CA VAL A 41 -0.85 -34.64 12.47
C VAL A 41 -0.37 -35.11 11.09
N GLY A 42 0.81 -35.72 11.06
CA GLY A 42 1.39 -36.21 9.82
C GLY A 42 1.03 -37.66 9.55
N PRO A 43 0.99 -38.06 8.25
CA PRO A 43 0.91 -39.46 7.80
C PRO A 43 1.69 -40.49 8.68
N PRO A 44 1.20 -41.75 8.76
CA PRO A 44 0.05 -42.24 8.00
C PRO A 44 -1.27 -41.76 8.59
N ASP A 45 -1.25 -41.37 9.88
CA ASP A 45 -2.45 -40.95 10.62
C ASP A 45 -3.29 -39.90 9.86
N CYS A 46 -4.61 -40.03 9.98
CA CYS A 46 -5.56 -39.14 9.37
C CYS A 46 -5.85 -37.94 10.30
N ARG A 47 -6.53 -36.93 9.76
CA ARG A 47 -6.61 -35.63 10.40
C ARG A 47 -8.02 -35.28 10.89
N CYS A 48 -8.13 -34.35 11.84
CA CYS A 48 -9.41 -33.87 12.37
C CYS A 48 -9.45 -32.32 12.54
N ASP A 49 -8.47 -31.64 11.95
CA ASP A 49 -8.34 -30.19 12.05
C ASP A 49 -9.17 -29.49 10.97
N ASN A 50 -9.30 -28.15 11.08
CA ASN A 50 -10.22 -27.37 10.21
C ASN A 50 -9.83 -27.26 8.75
N LEU A 51 -8.74 -27.94 8.39
CA LEU A 51 -8.28 -28.03 7.01
C LEU A 51 -8.32 -29.42 6.43
N CYS A 52 -8.65 -30.46 7.20
CA CYS A 52 -8.48 -31.84 6.65
C CYS A 52 -9.33 -32.07 5.37
N LYS A 53 -10.52 -31.48 5.32
CA LYS A 53 -11.38 -31.55 4.12
C LYS A 53 -10.70 -31.07 2.84
N SER A 54 -9.83 -30.07 2.96
CA SER A 54 -9.22 -29.45 1.77
C SER A 54 -8.19 -30.40 1.24
N TYR A 55 -7.61 -31.17 2.16
CA TYR A 55 -6.58 -32.15 1.81
C TYR A 55 -7.17 -33.54 1.48
N SER A 56 -8.49 -33.71 1.63
CA SER A 56 -9.13 -35.04 1.50
C SER A 56 -8.54 -36.08 2.43
N SER A 57 -8.24 -35.71 3.69
CA SER A 57 -7.47 -36.56 4.59
C SER A 57 -8.10 -36.66 5.97
N CYS A 58 -9.38 -36.30 6.08
CA CYS A 58 -10.09 -36.40 7.35
C CYS A 58 -10.24 -37.89 7.68
N CYS A 59 -10.24 -38.23 8.97
CA CYS A 59 -10.65 -39.59 9.40
C CYS A 59 -12.08 -39.89 8.92
N HIS A 60 -12.33 -41.16 8.64
CA HIS A 60 -13.62 -41.60 8.09
C HIS A 60 -14.81 -41.18 8.90
N ASP A 61 -14.61 -40.93 10.21
CA ASP A 61 -15.70 -40.47 11.07
C ASP A 61 -15.79 -38.93 11.31
N PHE A 62 -15.05 -38.14 10.52
CA PHE A 62 -15.03 -36.70 10.74
C PHE A 62 -16.39 -36.05 10.60
N ASP A 63 -17.11 -36.35 9.50
CA ASP A 63 -18.46 -35.77 9.32
C ASP A 63 -19.38 -36.10 10.48
N GLU A 64 -19.41 -37.39 10.85
CA GLU A 64 -20.30 -37.88 11.90
C GLU A 64 -20.00 -37.18 13.23
N LEU A 65 -18.72 -37.13 13.60
CA LEU A 65 -18.37 -36.61 14.93
C LEU A 65 -18.23 -35.09 14.97
N CYS A 66 -17.55 -34.54 13.96
CA CYS A 66 -17.14 -33.13 13.98
C CYS A 66 -18.08 -32.20 13.20
N LEU A 67 -18.81 -32.73 12.22
CA LEU A 67 -19.76 -31.88 11.49
C LEU A 67 -21.23 -32.18 11.75
N LYS A 68 -21.59 -32.25 13.02
CA LYS A 68 -22.98 -32.45 13.42
C LYS A 68 -23.86 -31.30 13.00
N THR A 69 -25.07 -31.63 12.57
CA THR A 69 -26.05 -30.66 12.05
C THR A 69 -27.44 -30.75 12.68
N ALA A 70 -27.73 -31.85 13.37
CA ALA A 70 -29.08 -32.13 13.88
C ALA A 70 -29.70 -31.01 14.69
N ARG A 71 -30.87 -30.59 14.26
CA ARG A 71 -31.68 -29.60 14.96
C ARG A 71 -31.20 -28.18 14.69
N GLY A 72 -30.22 -28.04 13.81
CA GLY A 72 -29.80 -26.71 13.38
C GLY A 72 -28.95 -26.00 14.42
N TRP A 73 -28.98 -24.67 14.41
CA TRP A 73 -27.97 -23.85 15.08
C TRP A 73 -28.56 -22.97 16.15
N GLU A 74 -29.88 -23.08 16.37
CA GLU A 74 -30.56 -22.19 17.32
C GLU A 74 -31.33 -22.96 18.38
N CYS A 75 -31.23 -22.50 19.63
CA CYS A 75 -32.16 -22.95 20.66
C CYS A 75 -33.56 -22.44 20.32
N THR A 76 -34.56 -23.25 20.65
CA THR A 76 -35.97 -22.83 20.66
C THR A 76 -36.48 -23.11 22.07
N LYS A 77 -37.59 -22.47 22.45
CA LYS A 77 -38.09 -22.59 23.83
C LYS A 77 -38.32 -24.03 24.32
N ASP A 78 -38.84 -24.90 23.47
CA ASP A 78 -39.01 -26.33 23.85
C ASP A 78 -37.68 -27.07 24.11
N ARG A 79 -36.57 -26.56 23.60
CA ARG A 79 -35.26 -27.16 23.84
C ARG A 79 -34.65 -26.78 25.19
N CYS A 80 -35.11 -25.69 25.79
CA CYS A 80 -34.51 -25.22 27.05
C CYS A 80 -34.49 -26.30 28.14
N GLY A 81 -33.34 -26.43 28.80
CA GLY A 81 -33.14 -27.44 29.80
C GLY A 81 -33.15 -28.88 29.30
N GLU A 82 -33.32 -29.11 28.00
CA GLU A 82 -33.36 -30.47 27.47
C GLU A 82 -32.29 -31.36 28.12
N VAL A 83 -32.45 -32.66 27.98
CA VAL A 83 -31.39 -33.61 28.35
C VAL A 83 -30.38 -33.66 27.20
N ARG A 84 -29.11 -33.44 27.52
CA ARG A 84 -28.07 -33.46 26.50
C ARG A 84 -28.15 -34.67 25.55
N ASN A 85 -28.21 -34.37 24.25
CA ASN A 85 -28.14 -35.34 23.19
C ASN A 85 -26.93 -35.01 22.29
N GLU A 86 -25.88 -35.83 22.38
CA GLU A 86 -24.57 -35.52 21.79
C GLU A 86 -24.57 -35.47 20.28
N GLU A 87 -25.69 -35.85 19.66
CA GLU A 87 -25.82 -35.88 18.20
C GLU A 87 -26.23 -34.49 17.64
N ASN A 88 -26.67 -33.62 18.54
CA ASN A 88 -27.15 -32.28 18.16
C ASN A 88 -26.03 -31.36 17.65
N ALA A 89 -26.38 -30.37 16.84
CA ALA A 89 -25.37 -29.45 16.30
C ALA A 89 -24.74 -28.60 17.40
N CYS A 90 -25.61 -28.09 18.26
CA CYS A 90 -25.23 -27.36 19.44
C CYS A 90 -26.32 -27.65 20.49
N HIS A 91 -26.18 -27.11 21.69
CA HIS A 91 -26.87 -27.63 22.86
C HIS A 91 -27.62 -26.56 23.59
N CYS A 92 -28.76 -26.95 24.17
CA CYS A 92 -29.64 -26.07 24.92
C CYS A 92 -29.87 -26.63 26.34
N SER A 93 -29.19 -27.75 26.60
CA SER A 93 -29.10 -28.39 27.91
C SER A 93 -28.41 -27.52 28.94
N GLU A 94 -28.67 -27.78 30.22
CA GLU A 94 -28.20 -26.94 31.31
C GLU A 94 -26.68 -27.02 31.48
N ASP A 95 -26.06 -28.09 31.02
CA ASP A 95 -24.62 -28.22 31.19
C ASP A 95 -23.81 -27.57 30.05
N CYS A 96 -24.48 -26.87 29.15
CA CYS A 96 -23.83 -26.44 27.91
C CYS A 96 -22.78 -25.31 28.07
N LEU A 97 -23.05 -24.31 28.91
CA LEU A 97 -22.04 -23.26 29.20
C LEU A 97 -20.72 -23.84 29.73
N SER A 98 -20.81 -24.69 30.75
CA SER A 98 -19.62 -25.36 31.31
C SER A 98 -18.93 -26.28 30.29
N ARG A 99 -19.70 -26.85 29.36
CA ARG A 99 -19.13 -27.70 28.30
C ARG A 99 -18.59 -26.81 27.16
N GLY A 100 -19.07 -25.58 27.09
CA GLY A 100 -18.64 -24.64 26.04
C GLY A 100 -19.29 -24.84 24.67
N ASP A 101 -20.42 -25.54 24.62
CA ASP A 101 -21.03 -25.89 23.34
C ASP A 101 -22.53 -25.54 23.19
N CYS A 102 -23.01 -24.56 23.95
CA CYS A 102 -24.37 -24.03 23.72
C CYS A 102 -24.50 -23.43 22.32
N CYS A 103 -25.71 -23.42 21.79
CA CYS A 103 -26.04 -22.66 20.57
C CYS A 103 -25.85 -21.22 20.97
N THR A 104 -25.53 -20.35 20.00
CA THR A 104 -25.11 -19.01 20.41
C THR A 104 -26.24 -18.20 21.03
N ASN A 105 -27.47 -18.55 20.72
CA ASN A 105 -28.61 -17.79 21.23
C ASN A 105 -29.24 -18.42 22.48
N TYR A 106 -28.52 -19.35 23.10
CA TYR A 106 -29.01 -20.12 24.24
C TYR A 106 -29.47 -19.21 25.35
N GLN A 107 -28.64 -18.27 25.73
CA GLN A 107 -28.94 -17.41 26.85
C GLN A 107 -30.11 -16.48 26.55
N VAL A 108 -30.26 -16.09 25.30
CA VAL A 108 -31.40 -15.27 24.88
C VAL A 108 -32.73 -16.06 25.01
N VAL A 109 -32.83 -17.18 24.31
CA VAL A 109 -34.04 -18.01 24.37
C VAL A 109 -34.27 -18.62 25.78
N CYS A 110 -33.23 -19.19 26.37
CA CYS A 110 -33.38 -19.98 27.59
C CYS A 110 -33.15 -19.28 28.92
N LYS A 111 -32.68 -18.03 28.92
CA LYS A 111 -32.34 -17.38 30.20
C LYS A 111 -32.72 -15.90 30.30
N GLY A 112 -33.63 -15.45 29.44
CA GLY A 112 -34.08 -14.07 29.49
C GLY A 112 -33.12 -12.99 28.97
N GLU A 113 -31.85 -13.36 28.76
CA GLU A 113 -30.84 -12.42 28.24
C GLU A 113 -31.15 -11.69 26.90
N SER A 114 -30.51 -10.55 26.70
CA SER A 114 -30.66 -9.80 25.44
C SER A 114 -29.53 -10.17 24.46
N HIS A 115 -29.82 -10.09 23.15
CA HIS A 115 -28.81 -10.23 22.11
C HIS A 115 -27.83 -9.07 22.29
N TRP A 116 -26.56 -9.32 21.99
CA TRP A 116 -25.51 -8.30 22.05
C TRP A 116 -25.90 -7.06 21.30
N VAL A 117 -26.43 -7.21 20.08
CA VAL A 117 -26.76 -6.04 19.26
C VAL A 117 -27.79 -5.09 19.91
N ASP A 118 -28.71 -5.64 20.71
CA ASP A 118 -29.69 -4.83 21.48
C ASP A 118 -29.18 -4.10 22.70
N ASP A 119 -27.96 -4.37 23.16
CA ASP A 119 -27.43 -3.65 24.30
C ASP A 119 -26.87 -2.29 23.86
N ASP A 120 -27.01 -1.27 24.71
CA ASP A 120 -26.38 0.04 24.47
C ASP A 120 -24.85 -0.09 24.38
N CYS A 121 -24.20 0.73 23.54
CA CYS A 121 -22.71 0.84 23.51
CA CYS A 121 -22.75 0.80 23.49
C CYS A 121 -22.28 1.33 24.85
N GLU A 122 -21.33 0.64 25.45
CA GLU A 122 -20.77 1.05 26.70
C GLU A 122 -19.30 1.01 26.55
N GLU A 123 -18.62 2.09 26.92
CA GLU A 123 -17.17 2.17 26.77
C GLU A 123 -16.44 1.01 27.49
N ILE A 124 -15.44 0.41 26.85
CA ILE A 124 -14.65 -0.68 27.47
C ILE A 124 -13.30 -0.06 27.84
N LYS A 125 -13.24 0.47 29.08
CA LYS A 125 -12.07 1.20 29.50
C LYS A 125 -10.95 0.27 29.82
N VAL A 126 -11.26 -0.94 30.31
CA VAL A 126 -10.22 -1.89 30.69
C VAL A 126 -10.69 -3.25 30.25
N PRO A 127 -9.75 -4.19 29.95
CA PRO A 127 -10.25 -5.52 29.66
C PRO A 127 -10.99 -6.15 30.85
N GLU A 128 -12.17 -6.70 30.59
CA GLU A 128 -12.97 -7.38 31.61
C GLU A 128 -13.03 -8.85 31.24
N CYS A 129 -12.04 -9.61 31.69
CA CYS A 129 -11.82 -10.98 31.26
C CYS A 129 -11.97 -11.97 32.43
N PRO A 130 -12.40 -13.22 32.14
CA PRO A 130 -12.44 -14.27 33.21
C PRO A 130 -11.04 -14.58 33.76
N ALA A 131 -11.00 -15.11 34.98
CA ALA A 131 -9.73 -15.55 35.58
C ALA A 131 -9.00 -16.57 34.71
N GLY A 132 -7.69 -16.42 34.63
CA GLY A 132 -6.89 -17.28 33.78
C GLY A 132 -6.66 -16.74 32.37
N PHE A 133 -7.29 -15.61 32.02
CA PHE A 133 -6.98 -14.98 30.72
C PHE A 133 -5.75 -14.07 30.83
N VAL A 134 -4.63 -14.48 30.24
CA VAL A 134 -3.35 -13.74 30.37
C VAL A 134 -3.31 -12.39 29.57
N ARG A 135 -4.09 -12.32 28.47
CA ARG A 135 -4.14 -11.15 27.61
C ARG A 135 -5.51 -11.21 26.93
N PRO A 136 -6.04 -10.08 26.46
CA PRO A 136 -7.25 -10.07 25.62
C PRO A 136 -7.02 -10.89 24.33
N PRO A 137 -7.83 -11.95 24.05
CA PRO A 137 -7.67 -12.64 22.76
C PRO A 137 -7.94 -11.68 21.61
N LEU A 138 -7.49 -12.04 20.41
CA LEU A 138 -7.75 -11.23 19.24
C LEU A 138 -8.53 -12.14 18.28
N ILE A 139 -9.65 -11.64 17.79
CA ILE A 139 -10.43 -12.39 16.79
C ILE A 139 -10.46 -11.55 15.51
N ILE A 140 -10.01 -12.16 14.42
CA ILE A 140 -9.99 -11.45 13.13
C ILE A 140 -11.15 -12.02 12.28
N PHE A 141 -12.10 -11.17 11.92
CA PHE A 141 -13.29 -11.59 11.18
C PHE A 141 -13.09 -11.05 9.73
N SER A 142 -12.67 -11.90 8.80
CA SER A 142 -12.37 -11.43 7.43
CA SER A 142 -12.35 -11.47 7.42
C SER A 142 -13.48 -11.72 6.44
N VAL A 143 -13.84 -10.70 5.68
CA VAL A 143 -14.94 -10.81 4.73
C VAL A 143 -14.38 -10.54 3.34
N ASP A 144 -14.58 -11.51 2.47
CA ASP A 144 -14.11 -11.44 1.10
C ASP A 144 -15.04 -10.54 0.29
N GLY A 145 -14.48 -9.58 -0.43
CA GLY A 145 -15.25 -8.77 -1.40
C GLY A 145 -16.14 -7.70 -0.77
N PHE A 146 -15.87 -7.35 0.49
CA PHE A 146 -16.72 -6.42 1.24
C PHE A 146 -16.27 -4.98 0.92
N ARG A 147 -16.91 -4.42 -0.09
CA ARG A 147 -16.56 -3.09 -0.59
C ARG A 147 -16.90 -2.04 0.49
N ALA A 148 -16.04 -1.01 0.61
CA ALA A 148 -16.11 -0.01 1.68
C ALA A 148 -17.49 0.63 1.77
N SER A 149 -18.12 0.86 0.61
CA SER A 149 -19.38 1.61 0.63
C SER A 149 -20.59 0.79 1.11
N TYR A 150 -20.40 -0.52 1.29
CA TYR A 150 -21.43 -1.36 1.93
C TYR A 150 -21.74 -0.91 3.32
N MET A 151 -20.78 -0.28 4.00
CA MET A 151 -21.00 0.17 5.37
C MET A 151 -22.15 1.18 5.43
N LYS A 152 -22.15 2.12 4.49
CA LYS A 152 -23.26 3.07 4.38
C LYS A 152 -24.49 2.46 3.67
N LYS A 153 -24.26 1.85 2.51
CA LYS A 153 -25.37 1.45 1.60
C LYS A 153 -26.17 0.24 2.12
N GLY A 154 -25.52 -0.63 2.88
CA GLY A 154 -26.25 -1.74 3.48
C GLY A 154 -26.52 -1.56 4.97
N SER A 155 -26.31 -0.37 5.50
CA SER A 155 -26.44 -0.14 6.94
C SER A 155 -27.75 -0.68 7.55
N LYS A 156 -28.86 -0.55 6.83
CA LYS A 156 -30.19 -0.96 7.33
C LYS A 156 -30.32 -2.44 7.49
N VAL A 157 -29.45 -3.22 6.87
CA VAL A 157 -29.56 -4.66 7.04
C VAL A 157 -28.37 -5.27 7.79
N MET A 158 -27.53 -4.43 8.40
CA MET A 158 -26.37 -4.97 9.11
C MET A 158 -26.22 -4.44 10.54
N PRO A 159 -27.22 -4.70 11.40
CA PRO A 159 -27.18 -4.01 12.68
C PRO A 159 -26.00 -4.38 13.59
N ASN A 160 -25.56 -5.64 13.56
CA ASN A 160 -24.42 -6.06 14.39
C ASN A 160 -23.15 -5.35 13.91
N ILE A 161 -22.94 -5.38 12.59
CA ILE A 161 -21.77 -4.72 11.98
C ILE A 161 -21.80 -3.19 12.22
N GLU A 162 -22.99 -2.57 12.08
CA GLU A 162 -23.12 -1.14 12.37
C GLU A 162 -22.87 -0.78 13.84
N LYS A 163 -23.27 -1.66 14.76
CA LYS A 163 -22.86 -1.49 16.15
C LYS A 163 -21.35 -1.58 16.34
N LEU A 164 -20.71 -2.62 15.82
CA LEU A 164 -19.25 -2.68 15.93
C LEU A 164 -18.60 -1.38 15.46
N ARG A 165 -19.08 -0.94 14.31
CA ARG A 165 -18.52 0.20 13.62
C ARG A 165 -18.68 1.47 14.41
N SER A 166 -19.88 1.76 14.92
CA SER A 166 -20.08 3.05 15.58
C SER A 166 -19.57 3.08 17.03
N CYS A 167 -19.58 1.94 17.74
CA CYS A 167 -19.08 1.92 19.12
CA CYS A 167 -19.10 1.86 19.11
C CYS A 167 -17.57 1.75 19.17
N GLY A 168 -17.00 1.07 18.18
CA GLY A 168 -15.54 0.82 18.11
C GLY A 168 -14.78 1.91 17.39
N THR A 169 -13.66 1.51 16.76
CA THR A 169 -12.78 2.39 15.99
C THR A 169 -12.97 2.00 14.51
N HIS A 170 -13.21 2.97 13.61
CA HIS A 170 -13.39 2.58 12.21
C HIS A 170 -12.74 3.59 11.27
N ALA A 171 -12.39 3.13 10.07
CA ALA A 171 -11.90 4.02 9.01
C ALA A 171 -13.06 4.12 7.99
N PRO A 172 -13.16 5.23 7.24
CA PRO A 172 -14.15 5.28 6.13
C PRO A 172 -13.86 4.24 5.08
N TYR A 173 -12.58 3.87 4.94
CA TYR A 173 -12.24 2.75 4.08
C TYR A 173 -10.83 2.35 4.36
N MET A 174 -10.44 1.18 3.88
CA MET A 174 -9.06 0.72 4.00
C MET A 174 -8.58 0.36 2.59
N ARG A 175 -7.35 0.75 2.27
CA ARG A 175 -6.79 0.51 0.94
C ARG A 175 -6.12 -0.85 0.90
N PRO A 176 -6.55 -1.70 -0.04
CA PRO A 176 -5.93 -3.01 -0.26
C PRO A 176 -4.59 -2.87 -0.96
N VAL A 177 -3.85 -3.96 -1.09
CA VAL A 177 -2.68 -3.97 -1.95
C VAL A 177 -3.08 -4.33 -3.37
N TYR A 178 -2.19 -4.06 -4.32
CA TYR A 178 -2.34 -4.44 -5.75
C TYR A 178 -1.62 -5.77 -5.96
N PRO A 179 -2.20 -6.70 -6.76
CA PRO A 179 -3.55 -6.66 -7.35
C PRO A 179 -4.60 -6.86 -6.28
N THR A 180 -5.75 -6.21 -6.47
CA THR A 180 -6.80 -6.23 -5.50
C THR A 180 -7.58 -7.56 -5.62
N LYS A 181 -6.81 -8.64 -5.47
CA LYS A 181 -7.28 -10.02 -5.48
C LYS A 181 -7.26 -10.61 -4.06
N THR A 182 -7.92 -11.74 -3.91
CA THR A 182 -8.20 -12.36 -2.62
C THR A 182 -6.93 -12.85 -1.89
N PHE A 183 -6.19 -13.77 -2.50
CA PHE A 183 -5.04 -14.37 -1.81
C PHE A 183 -3.90 -13.35 -1.55
N PRO A 184 -3.58 -12.48 -2.55
CA PRO A 184 -2.54 -11.48 -2.24
C PRO A 184 -2.91 -10.59 -1.05
N ASN A 185 -4.18 -10.20 -0.97
CA ASN A 185 -4.60 -9.34 0.12
C ASN A 185 -4.74 -9.99 1.48
N LEU A 186 -5.27 -11.19 1.51
CA LEU A 186 -5.34 -11.91 2.79
C LEU A 186 -3.96 -12.24 3.33
N TYR A 187 -3.03 -12.63 2.48
CA TYR A 187 -1.72 -12.95 3.00
C TYR A 187 -0.97 -11.67 3.35
N THR A 188 -1.24 -10.56 2.64
CA THR A 188 -0.71 -9.26 3.08
C THR A 188 -1.24 -8.93 4.51
N LEU A 189 -2.52 -9.16 4.76
CA LEU A 189 -3.10 -8.89 6.08
C LEU A 189 -2.33 -9.62 7.18
N ALA A 190 -2.03 -10.90 6.91
CA ALA A 190 -1.30 -11.77 7.81
C ALA A 190 0.21 -11.50 7.96
N THR A 191 0.85 -10.78 7.03
CA THR A 191 2.32 -10.61 7.08
C THR A 191 2.84 -9.17 7.17
N GLY A 192 1.98 -8.18 6.87
CA GLY A 192 2.40 -6.79 6.67
C GLY A 192 3.33 -6.56 5.47
N LEU A 193 3.32 -7.49 4.50
CA LEU A 193 4.26 -7.42 3.38
C LEU A 193 3.54 -7.18 2.08
N TYR A 194 4.14 -6.41 1.17
CA TYR A 194 3.64 -6.36 -0.21
C TYR A 194 3.67 -7.73 -0.86
N PRO A 195 2.73 -8.01 -1.76
CA PRO A 195 2.74 -9.30 -2.48
C PRO A 195 4.12 -9.59 -3.12
N GLU A 196 4.79 -8.59 -3.71
CA GLU A 196 6.16 -8.84 -4.26
C GLU A 196 7.14 -9.45 -3.26
N SER A 197 6.98 -9.14 -1.96
CA SER A 197 7.81 -9.70 -0.92
C SER A 197 7.30 -10.99 -0.33
N HIS A 198 6.00 -11.12 -0.03
CA HIS A 198 5.50 -12.40 0.50
C HIS A 198 5.39 -13.53 -0.56
N GLY A 199 5.33 -13.13 -1.82
CA GLY A 199 5.28 -14.10 -2.94
C GLY A 199 3.94 -14.48 -3.52
N ILE A 200 2.85 -14.08 -2.87
CA ILE A 200 1.54 -14.45 -3.39
C ILE A 200 1.11 -13.23 -4.24
N VAL A 201 1.57 -13.22 -5.48
CA VAL A 201 1.51 -12.03 -6.31
C VAL A 201 0.25 -12.01 -7.18
N GLY A 202 -0.58 -13.04 -7.07
CA GLY A 202 -1.87 -13.06 -7.79
C GLY A 202 -2.67 -14.22 -7.24
N ASN A 203 -3.94 -14.29 -7.65
CA ASN A 203 -4.81 -15.49 -7.40
C ASN A 203 -4.35 -16.65 -8.24
N SER A 204 -3.74 -16.34 -9.38
CA SER A 204 -2.96 -17.39 -10.07
C SER A 204 -1.61 -16.84 -10.47
N MET A 205 -0.60 -17.70 -10.51
CA MET A 205 0.71 -17.27 -10.88
C MET A 205 1.50 -18.44 -11.39
N TYR A 206 2.56 -18.17 -12.12
CA TYR A 206 3.44 -19.23 -12.62
C TYR A 206 4.81 -18.84 -12.09
N ASP A 207 5.52 -19.82 -11.49
CA ASP A 207 6.86 -19.58 -11.02
C ASP A 207 7.79 -20.29 -11.98
N PRO A 208 8.64 -19.53 -12.69
CA PRO A 208 9.50 -20.12 -13.75
C PRO A 208 10.62 -21.00 -13.18
N VAL A 209 10.95 -20.82 -11.89
CA VAL A 209 11.96 -21.67 -11.26
C VAL A 209 11.34 -23.01 -10.85
N PHE A 210 10.17 -22.98 -10.20
CA PHE A 210 9.39 -24.21 -9.92
C PHE A 210 8.91 -24.91 -11.20
N ASP A 211 8.79 -24.17 -12.30
CA ASP A 211 7.99 -24.61 -13.44
C ASP A 211 6.61 -25.15 -12.98
N ALA A 212 5.84 -24.33 -12.24
CA ALA A 212 4.59 -24.77 -11.64
C ALA A 212 3.71 -23.54 -11.45
N SER A 213 2.40 -23.81 -11.37
CA SER A 213 1.36 -22.78 -11.34
C SER A 213 0.57 -22.97 -10.10
N PHE A 214 0.23 -21.86 -9.45
CA PHE A 214 -0.57 -21.79 -8.24
C PHE A 214 -1.95 -21.34 -8.73
N HIS A 215 -2.99 -22.03 -8.27
CA HIS A 215 -4.37 -21.68 -8.58
C HIS A 215 -5.21 -21.74 -7.31
N LEU A 216 -6.22 -20.88 -7.25
CA LEU A 216 -7.19 -20.90 -6.14
C LEU A 216 -7.62 -22.33 -5.80
N ARG A 217 -8.02 -23.06 -6.82
CA ARG A 217 -8.51 -24.41 -6.64
C ARG A 217 -7.38 -25.35 -7.05
N GLY A 218 -7.14 -26.36 -6.24
CA GLY A 218 -6.08 -27.34 -6.51
C GLY A 218 -5.16 -27.52 -5.33
N ARG A 219 -4.23 -28.46 -5.47
CA ARG A 219 -3.34 -28.87 -4.42
C ARG A 219 -2.03 -28.06 -4.40
N GLU A 220 -1.65 -27.47 -5.53
CA GLU A 220 -0.34 -26.84 -5.60
C GLU A 220 -0.18 -25.73 -4.54
N LYS A 221 -1.24 -24.94 -4.33
CA LYS A 221 -1.25 -23.84 -3.35
C LYS A 221 -0.96 -24.28 -1.90
N PHE A 222 -1.09 -25.60 -1.67
CA PHE A 222 -0.84 -26.20 -0.36
C PHE A 222 0.65 -26.30 -0.08
N ASN A 223 1.48 -26.33 -1.12
CA ASN A 223 2.91 -26.35 -0.90
C ASN A 223 3.42 -25.05 -0.25
N HIS A 224 4.11 -25.14 0.90
CA HIS A 224 4.68 -23.96 1.58
C HIS A 224 5.68 -23.14 0.77
N ARG A 225 6.26 -23.72 -0.28
CA ARG A 225 7.26 -23.02 -1.09
C ARG A 225 6.76 -21.69 -1.71
N TRP A 226 5.45 -21.53 -1.87
CA TRP A 226 4.89 -20.30 -2.44
C TRP A 226 4.82 -19.14 -1.44
N TRP A 227 4.75 -19.47 -0.16
CA TRP A 227 4.33 -18.52 0.87
C TRP A 227 5.51 -18.07 1.71
N GLY A 228 5.95 -16.84 1.51
CA GLY A 228 7.13 -16.31 2.20
C GLY A 228 6.72 -15.39 3.32
N GLY A 229 7.69 -14.62 3.82
CA GLY A 229 7.43 -13.77 4.99
C GLY A 229 7.05 -14.57 6.23
N GLN A 230 6.62 -13.90 7.28
CA GLN A 230 6.24 -14.60 8.48
C GLN A 230 4.86 -14.14 8.90
N PRO A 231 3.86 -14.99 8.66
CA PRO A 231 2.50 -14.59 8.99
C PRO A 231 2.29 -14.55 10.50
N LEU A 232 1.26 -13.81 10.92
CA LEU A 232 1.00 -13.54 12.32
C LEU A 232 1.00 -14.82 13.17
N TRP A 233 0.42 -15.88 12.63
CA TRP A 233 0.31 -17.11 13.43
C TRP A 233 1.69 -17.71 13.78
N ILE A 234 2.69 -17.54 12.91
CA ILE A 234 4.04 -18.02 13.15
C ILE A 234 4.76 -17.06 14.09
N THR A 235 4.62 -15.75 13.84
CA THR A 235 5.08 -14.71 14.80
C THR A 235 4.57 -14.98 16.22
N ALA A 236 3.26 -15.24 16.34
CA ALA A 236 2.68 -15.52 17.63
C ALA A 236 3.34 -16.77 18.20
N THR A 237 3.32 -17.88 17.47
CA THR A 237 3.83 -19.15 18.01
C THR A 237 5.30 -19.11 18.44
N LYS A 238 6.19 -18.52 17.63
CA LYS A 238 7.59 -18.35 18.00
C LYS A 238 7.76 -17.57 19.29
N GLN A 239 6.79 -16.74 19.66
CA GLN A 239 6.96 -15.94 20.86
C GLN A 239 6.08 -16.42 22.02
N GLY A 240 5.59 -17.64 21.93
CA GLY A 240 4.87 -18.30 23.02
C GLY A 240 3.42 -17.86 23.14
N VAL A 241 2.87 -17.32 22.05
CA VAL A 241 1.44 -16.96 22.02
C VAL A 241 0.79 -17.94 21.05
N ARG A 242 -0.18 -18.72 21.54
CA ARG A 242 -0.80 -19.80 20.76
CA ARG A 242 -0.78 -19.79 20.76
C ARG A 242 -1.74 -19.27 19.68
N ALA A 243 -1.60 -19.80 18.46
CA ALA A 243 -2.37 -19.35 17.30
C ALA A 243 -2.24 -20.38 16.21
N GLY A 244 -3.35 -20.91 15.69
CA GLY A 244 -3.25 -21.73 14.43
C GLY A 244 -3.39 -20.88 13.16
N THR A 245 -3.23 -21.49 11.98
CA THR A 245 -3.45 -20.74 10.70
C THR A 245 -4.89 -20.14 10.60
N PHE A 246 -5.02 -19.17 9.70
CA PHE A 246 -6.23 -18.46 9.51
C PHE A 246 -7.08 -19.05 8.37
N PHE A 247 -6.60 -20.15 7.79
CA PHE A 247 -7.26 -20.81 6.62
C PHE A 247 -8.50 -21.59 7.08
N TRP A 248 -9.47 -21.82 6.19
CA TRP A 248 -10.68 -22.63 6.48
C TRP A 248 -11.08 -23.42 5.21
N SER A 249 -11.44 -24.69 5.40
CA SER A 249 -12.04 -25.50 4.32
C SER A 249 -13.42 -24.95 4.00
N VAL A 250 -13.71 -24.85 2.70
CA VAL A 250 -14.89 -24.13 2.25
C VAL A 250 -16.19 -24.82 2.70
N SER A 251 -16.16 -26.14 2.77
CA SER A 251 -17.38 -26.90 3.08
C SER A 251 -17.80 -26.80 4.55
N ILE A 252 -16.91 -26.32 5.42
CA ILE A 252 -17.33 -26.16 6.82
C ILE A 252 -18.27 -24.97 6.91
N PRO A 253 -19.52 -25.20 7.34
CA PRO A 253 -20.38 -24.03 7.28
C PRO A 253 -20.01 -22.98 8.33
N HIS A 254 -20.47 -21.74 8.10
CA HIS A 254 -20.12 -20.59 8.95
C HIS A 254 -20.53 -20.72 10.39
N GLU A 255 -21.70 -21.33 10.64
CA GLU A 255 -22.18 -21.59 12.00
C GLU A 255 -21.24 -22.55 12.73
N ARG A 256 -20.75 -23.54 12.01
CA ARG A 256 -19.78 -24.45 12.57
C ARG A 256 -18.39 -23.77 12.79
N ARG A 257 -17.95 -22.89 11.89
CA ARG A 257 -16.71 -22.10 12.20
C ARG A 257 -16.86 -21.31 13.49
N ILE A 258 -18.00 -20.61 13.64
CA ILE A 258 -18.23 -19.82 14.86
C ILE A 258 -18.25 -20.69 16.14
N LEU A 259 -19.01 -21.78 16.14
CA LEU A 259 -19.02 -22.67 17.35
C LEU A 259 -17.64 -23.26 17.63
N THR A 260 -16.88 -23.49 16.58
CA THR A 260 -15.54 -23.99 16.76
C THR A 260 -14.62 -22.98 17.50
N ILE A 261 -14.62 -21.73 17.05
CA ILE A 261 -13.88 -20.64 17.74
C ILE A 261 -14.36 -20.51 19.19
N LEU A 262 -15.68 -20.56 19.42
CA LEU A 262 -16.26 -20.46 20.77
C LEU A 262 -15.85 -21.65 21.67
N GLN A 263 -15.80 -22.85 21.11
CA GLN A 263 -15.27 -24.03 21.82
C GLN A 263 -13.78 -23.90 22.15
N TRP A 264 -12.98 -23.50 21.15
CA TRP A 264 -11.55 -23.22 21.42
C TRP A 264 -11.37 -22.24 22.56
N LEU A 265 -12.23 -21.23 22.62
CA LEU A 265 -12.12 -20.20 23.66
C LEU A 265 -12.41 -20.76 25.07
N SER A 266 -13.07 -21.92 25.13
CA SER A 266 -13.37 -22.61 26.41
C SER A 266 -12.29 -23.64 26.81
N LEU A 267 -11.23 -23.78 26.03
CA LEU A 267 -10.15 -24.71 26.38
C LEU A 267 -9.46 -24.24 27.68
N PRO A 268 -8.73 -25.17 28.34
CA PRO A 268 -7.90 -24.80 29.48
C PRO A 268 -6.87 -23.71 29.14
N ASP A 269 -6.55 -22.91 30.15
CA ASP A 269 -5.66 -21.77 29.93
C ASP A 269 -4.45 -22.16 29.16
N ASN A 270 -3.84 -23.29 29.54
CA ASN A 270 -2.60 -23.69 28.93
C ASN A 270 -2.77 -24.21 27.48
N GLU A 271 -3.99 -24.50 27.06
CA GLU A 271 -4.22 -25.07 25.72
C GLU A 271 -4.91 -24.09 24.75
N ARG A 272 -5.46 -23.01 25.29
CA ARG A 272 -6.36 -22.10 24.56
C ARG A 272 -5.55 -21.14 23.69
N PRO A 273 -5.90 -21.00 22.37
CA PRO A 273 -5.21 -19.97 21.53
C PRO A 273 -5.50 -18.56 22.00
N SER A 274 -4.61 -17.63 21.69
CA SER A 274 -4.90 -16.22 21.92
C SER A 274 -5.33 -15.49 20.65
N VAL A 275 -5.17 -16.11 19.48
CA VAL A 275 -5.60 -15.44 18.26
C VAL A 275 -6.43 -16.40 17.40
N TYR A 276 -7.49 -15.86 16.84
CA TYR A 276 -8.51 -16.61 16.14
C TYR A 276 -8.82 -15.90 14.83
N ALA A 277 -9.20 -16.66 13.82
CA ALA A 277 -9.56 -16.06 12.56
C ALA A 277 -10.81 -16.77 12.04
N PHE A 278 -11.81 -15.95 11.70
CA PHE A 278 -12.98 -16.41 10.96
C PHE A 278 -12.87 -15.83 9.55
N TYR A 279 -13.20 -16.62 8.52
CA TYR A 279 -13.20 -16.12 7.14
C TYR A 279 -14.58 -16.32 6.51
N SER A 280 -15.10 -15.30 5.79
CA SER A 280 -16.29 -15.49 4.98
C SER A 280 -16.01 -15.34 3.47
N GLU A 281 -16.44 -16.31 2.66
CA GLU A 281 -16.42 -16.25 1.20
C GLU A 281 -17.39 -15.22 0.59
N GLN A 282 -18.35 -14.78 1.41
CA GLN A 282 -19.33 -13.74 1.06
C GLN A 282 -18.87 -12.40 1.65
N PRO A 283 -19.23 -11.26 1.01
CA PRO A 283 -20.15 -11.19 -0.12
C PRO A 283 -19.51 -11.39 -1.50
N ASP A 284 -18.22 -11.68 -1.55
CA ASP A 284 -17.52 -11.79 -2.82
C ASP A 284 -18.24 -12.83 -3.75
N PHE A 285 -18.65 -13.96 -3.20
CA PHE A 285 -19.23 -15.05 -4.04
C PHE A 285 -20.46 -14.57 -4.83
N SER A 286 -21.41 -13.98 -4.12
CA SER A 286 -22.55 -13.38 -4.77
C SER A 286 -22.17 -12.17 -5.62
N GLY A 287 -21.27 -11.31 -5.13
CA GLY A 287 -20.82 -10.07 -5.88
C GLY A 287 -20.39 -10.41 -7.31
N HIS A 288 -19.64 -11.48 -7.47
CA HIS A 288 -19.18 -11.87 -8.79
C HIS A 288 -20.39 -12.17 -9.69
N LYS A 289 -21.42 -12.81 -9.12
CA LYS A 289 -22.59 -13.18 -9.91
C LYS A 289 -23.52 -12.02 -10.22
N TYR A 290 -23.68 -11.11 -9.27
CA TYR A 290 -24.74 -10.16 -9.34
C TYR A 290 -24.30 -8.73 -9.49
N GLY A 291 -22.98 -8.48 -9.43
CA GLY A 291 -22.45 -7.11 -9.40
C GLY A 291 -22.49 -6.61 -7.96
N PRO A 292 -21.75 -5.54 -7.65
CA PRO A 292 -21.58 -5.13 -6.27
C PRO A 292 -22.88 -4.67 -5.65
N PHE A 293 -23.82 -4.18 -6.46
CA PHE A 293 -25.09 -3.68 -5.88
C PHE A 293 -26.32 -4.35 -6.44
N GLY A 294 -26.15 -5.51 -7.07
CA GLY A 294 -27.30 -6.30 -7.50
C GLY A 294 -28.32 -6.47 -6.37
N PRO A 295 -29.61 -6.51 -6.72
CA PRO A 295 -30.68 -6.78 -5.73
C PRO A 295 -30.40 -8.07 -4.92
N GLU A 296 -29.71 -9.02 -5.54
CA GLU A 296 -29.34 -10.27 -4.87
C GLU A 296 -28.31 -10.08 -3.72
N MET A 297 -27.74 -8.88 -3.59
CA MET A 297 -26.69 -8.69 -2.60
C MET A 297 -27.21 -8.41 -1.20
N THR A 298 -28.48 -8.03 -1.05
CA THR A 298 -28.95 -7.69 0.27
C THR A 298 -28.86 -8.91 1.23
N ASN A 299 -29.27 -10.06 0.73
CA ASN A 299 -29.26 -11.28 1.53
C ASN A 299 -27.89 -11.72 2.01
N PRO A 300 -26.89 -11.80 1.11
CA PRO A 300 -25.57 -12.11 1.62
C PRO A 300 -25.09 -11.15 2.73
N LEU A 301 -25.41 -9.85 2.63
CA LEU A 301 -25.08 -8.91 3.73
C LEU A 301 -25.85 -9.21 5.04
N ARG A 302 -27.14 -9.54 4.90
CA ARG A 302 -27.92 -9.97 6.07
C ARG A 302 -27.26 -11.17 6.72
N GLU A 303 -26.85 -12.14 5.89
CA GLU A 303 -26.27 -13.38 6.43
C GLU A 303 -24.93 -13.19 7.19
N ILE A 304 -24.04 -12.35 6.65
CA ILE A 304 -22.82 -12.00 7.33
C ILE A 304 -23.14 -11.28 8.63
N ASP A 305 -24.07 -10.33 8.62
CA ASP A 305 -24.44 -9.68 9.86
C ASP A 305 -24.94 -10.67 10.92
N LYS A 306 -25.78 -11.59 10.51
CA LYS A 306 -26.27 -12.62 11.42
C LYS A 306 -25.10 -13.42 12.03
N THR A 307 -24.13 -13.81 11.19
CA THR A 307 -22.91 -14.49 11.66
C THR A 307 -22.13 -13.68 12.71
N VAL A 308 -21.99 -12.38 12.48
CA VAL A 308 -21.36 -11.46 13.48
C VAL A 308 -22.17 -11.50 14.79
N GLY A 309 -23.51 -11.44 14.72
CA GLY A 309 -24.36 -11.55 15.92
C GLY A 309 -24.18 -12.87 16.66
N GLN A 310 -24.06 -13.99 15.93
CA GLN A 310 -23.73 -15.28 16.55
C GLN A 310 -22.43 -15.23 17.36
N LEU A 311 -21.38 -14.67 16.75
CA LEU A 311 -20.10 -14.55 17.42
C LEU A 311 -20.26 -13.65 18.65
N MET A 312 -20.88 -12.48 18.50
CA MET A 312 -20.96 -11.56 19.65
C MET A 312 -21.83 -12.13 20.78
N ASP A 313 -22.93 -12.79 20.41
CA ASP A 313 -23.80 -13.47 21.39
C ASP A 313 -23.02 -14.56 22.12
N GLY A 314 -22.25 -15.31 21.34
CA GLY A 314 -21.40 -16.38 21.87
C GLY A 314 -20.38 -15.84 22.86
N LEU A 315 -19.72 -14.71 22.50
CA LEU A 315 -18.77 -14.06 23.41
C LEU A 315 -19.44 -13.56 24.70
N LYS A 316 -20.61 -12.95 24.55
CA LYS A 316 -21.36 -12.43 25.68
C LYS A 316 -21.69 -13.58 26.65
N GLN A 317 -22.06 -14.75 26.11
CA GLN A 317 -22.33 -15.95 26.94
C GLN A 317 -21.12 -16.43 27.70
N LEU A 318 -19.96 -16.41 27.05
CA LEU A 318 -18.73 -16.82 27.71
C LEU A 318 -18.13 -15.70 28.55
N ARG A 319 -18.85 -14.59 28.72
CA ARG A 319 -18.36 -13.41 29.43
C ARG A 319 -17.03 -12.86 28.84
N LEU A 320 -16.93 -12.87 27.50
CA LEU A 320 -15.74 -12.45 26.79
C LEU A 320 -15.98 -11.22 25.92
N HIS A 321 -17.21 -10.73 25.89
CA HIS A 321 -17.59 -9.62 25.00
C HIS A 321 -17.00 -8.26 25.32
N ARG A 322 -16.48 -8.07 26.55
CA ARG A 322 -15.76 -6.86 26.91
C ARG A 322 -14.29 -7.26 27.24
N CYS A 323 -13.89 -8.42 26.73
CA CYS A 323 -12.54 -8.89 26.92
C CYS A 323 -11.82 -9.00 25.55
N VAL A 324 -12.47 -9.57 24.52
CA VAL A 324 -11.71 -9.83 23.28
C VAL A 324 -11.60 -8.58 22.37
N ASN A 325 -10.49 -8.48 21.63
CA ASN A 325 -10.43 -7.47 20.56
C ASN A 325 -10.88 -8.13 19.28
N VAL A 326 -11.83 -7.48 18.62
CA VAL A 326 -12.38 -8.01 17.36
C VAL A 326 -11.99 -7.08 16.20
N ILE A 327 -11.50 -7.64 15.09
CA ILE A 327 -11.21 -6.85 13.90
C ILE A 327 -12.13 -7.37 12.77
N PHE A 328 -12.94 -6.46 12.21
CA PHE A 328 -13.82 -6.76 11.10
C PHE A 328 -13.14 -6.07 9.92
N VAL A 329 -12.60 -6.86 8.99
CA VAL A 329 -11.70 -6.38 7.93
C VAL A 329 -12.01 -7.09 6.59
N GLY A 330 -11.98 -6.37 5.46
CA GLY A 330 -12.14 -7.07 4.15
C GLY A 330 -10.80 -7.14 3.41
N ASP A 331 -10.80 -7.89 2.31
CA ASP A 331 -9.60 -8.04 1.54
C ASP A 331 -9.59 -7.05 0.34
N HIS A 332 -10.76 -6.72 -0.19
CA HIS A 332 -10.90 -5.85 -1.38
C HIS A 332 -12.40 -5.61 -1.62
N GLY A 333 -12.71 -4.70 -2.53
CA GLY A 333 -14.10 -4.41 -2.89
C GLY A 333 -14.50 -5.20 -4.14
N MET A 334 -15.33 -4.59 -4.99
CA MET A 334 -15.99 -5.29 -6.12
C MET A 334 -16.56 -4.22 -7.04
N GLU A 335 -16.37 -4.44 -8.33
CA GLU A 335 -16.73 -3.48 -9.37
C GLU A 335 -17.67 -4.21 -10.36
N ASP A 336 -18.49 -3.45 -11.08
CA ASP A 336 -19.32 -3.98 -12.19
C ASP A 336 -18.45 -4.32 -13.39
N VAL A 337 -18.44 -5.58 -13.78
CA VAL A 337 -17.60 -6.01 -14.87
C VAL A 337 -18.42 -7.06 -15.60
N THR A 338 -18.61 -6.91 -16.91
CA THR A 338 -19.41 -7.88 -17.71
C THR A 338 -18.57 -8.39 -18.90
N CYS A 339 -18.88 -9.58 -19.41
CA CYS A 339 -18.15 -10.22 -20.56
C CYS A 339 -17.98 -9.32 -21.76
N ASP A 340 -18.95 -8.47 -22.02
CA ASP A 340 -18.87 -7.62 -23.18
C ASP A 340 -17.88 -6.45 -23.01
N ARG A 341 -17.52 -6.11 -21.77
CA ARG A 341 -16.43 -5.12 -21.59
C ARG A 341 -15.12 -5.88 -21.45
N THR A 342 -14.74 -6.57 -22.53
CA THR A 342 -13.46 -7.26 -22.62
C THR A 342 -12.67 -6.75 -23.84
N GLU A 343 -11.41 -6.39 -23.61
CA GLU A 343 -10.46 -6.07 -24.68
C GLU A 343 -9.78 -7.38 -25.02
N PHE A 344 -9.63 -7.66 -26.31
CA PHE A 344 -8.92 -8.86 -26.80
C PHE A 344 -7.59 -8.55 -27.42
N LEU A 345 -6.58 -9.30 -26.99
CA LEU A 345 -5.22 -9.01 -27.45
C LEU A 345 -5.09 -9.42 -28.92
N SER A 346 -5.97 -10.33 -29.37
CA SER A 346 -5.96 -10.75 -30.76
C SER A 346 -6.41 -9.61 -31.70
N ASN A 347 -7.07 -8.58 -31.18
CA ASN A 347 -7.30 -7.35 -31.92
C ASN A 347 -6.07 -6.41 -32.06
N TYR A 348 -4.97 -6.72 -31.39
CA TYR A 348 -3.76 -5.89 -31.40
C TYR A 348 -2.56 -6.64 -31.96
N LEU A 349 -2.41 -7.90 -31.61
CA LEU A 349 -1.23 -8.63 -32.07
C LEU A 349 -1.62 -9.56 -33.22
N THR A 350 -0.70 -9.81 -34.13
CA THR A 350 -0.96 -10.81 -35.19
C THR A 350 -0.51 -12.19 -34.69
N ASN A 351 0.54 -12.17 -33.89
CA ASN A 351 1.18 -13.35 -33.34
C ASN A 351 0.71 -13.63 -31.90
N VAL A 352 -0.59 -13.74 -31.71
CA VAL A 352 -1.15 -13.95 -30.37
C VAL A 352 -0.89 -15.36 -29.78
N ASP A 353 -0.49 -16.31 -30.62
CA ASP A 353 -0.24 -17.69 -30.17
C ASP A 353 1.16 -17.87 -29.59
N ASP A 354 1.97 -16.82 -29.69
CA ASP A 354 3.30 -16.81 -29.12
C ASP A 354 3.34 -16.34 -27.65
N ILE A 355 2.20 -15.86 -27.13
CA ILE A 355 2.14 -15.39 -25.73
C ILE A 355 1.26 -16.24 -24.81
N THR A 356 1.57 -16.16 -23.53
CA THR A 356 0.68 -16.62 -22.47
C THR A 356 0.23 -15.36 -21.73
N LEU A 357 -1.06 -15.26 -21.45
CA LEU A 357 -1.61 -14.12 -20.74
C LEU A 357 -2.28 -14.63 -19.47
N VAL A 358 -1.95 -14.03 -18.31
CA VAL A 358 -2.80 -14.14 -17.15
C VAL A 358 -3.87 -13.02 -17.33
N PRO A 359 -5.13 -13.42 -17.57
CA PRO A 359 -6.20 -12.53 -18.03
C PRO A 359 -7.00 -11.92 -16.89
N GLY A 360 -7.87 -10.98 -17.23
CA GLY A 360 -8.90 -10.51 -16.30
C GLY A 360 -8.79 -9.04 -16.00
N THR A 361 -8.82 -8.68 -14.70
CA THR A 361 -8.81 -7.30 -14.29
C THR A 361 -7.37 -6.76 -14.16
N LEU A 362 -6.39 -7.60 -14.48
CA LEU A 362 -5.03 -7.17 -14.79
C LEU A 362 -4.57 -8.11 -15.88
N GLY A 363 -3.47 -7.74 -16.51
CA GLY A 363 -2.86 -8.69 -17.45
C GLY A 363 -1.42 -8.85 -17.18
N ARG A 364 -0.91 -10.06 -17.37
CA ARG A 364 0.54 -10.35 -17.26
C ARG A 364 0.84 -11.24 -18.46
N ILE A 365 1.89 -10.88 -19.19
CA ILE A 365 2.24 -11.53 -20.46
C ILE A 365 3.68 -12.04 -20.39
N ARG A 366 3.88 -13.29 -20.79
CA ARG A 366 5.20 -13.86 -20.91
C ARG A 366 5.17 -14.70 -22.19
N ALA A 367 6.32 -15.20 -22.62
CA ALA A 367 6.43 -16.00 -23.85
C ALA A 367 5.68 -17.28 -23.61
N LYS A 368 4.93 -17.75 -24.62
CA LYS A 368 4.35 -19.09 -24.60
C LYS A 368 5.43 -20.17 -24.47
N SER A 369 6.46 -20.13 -25.31
CA SER A 369 7.53 -21.15 -25.23
C SER A 369 8.76 -20.66 -24.44
N ILE A 370 8.96 -21.26 -23.25
CA ILE A 370 10.09 -20.95 -22.35
C ILE A 370 11.44 -20.98 -23.08
N ASN A 371 12.34 -20.07 -22.69
CA ASN A 371 13.70 -19.98 -23.25
C ASN A 371 13.77 -19.75 -24.77
N ASN A 372 12.70 -19.24 -25.39
CA ASN A 372 12.69 -18.89 -26.83
C ASN A 372 13.36 -17.55 -27.14
N SER A 373 14.33 -17.57 -28.05
CA SER A 373 15.18 -16.42 -28.41
C SER A 373 14.49 -15.30 -29.23
N LYS A 374 13.64 -15.69 -30.18
CA LYS A 374 12.97 -14.74 -31.07
C LYS A 374 11.55 -14.42 -30.58
N TYR A 375 11.47 -13.86 -29.37
CA TYR A 375 10.25 -13.32 -28.79
C TYR A 375 10.67 -11.98 -28.21
N ASP A 376 9.98 -10.91 -28.61
CA ASP A 376 10.48 -9.59 -28.26
C ASP A 376 9.49 -8.75 -27.43
N PRO A 377 9.75 -8.63 -26.11
CA PRO A 377 8.87 -7.83 -25.25
C PRO A 377 8.65 -6.45 -25.81
N LYS A 378 9.67 -5.88 -26.44
CA LYS A 378 9.52 -4.52 -26.93
C LYS A 378 8.55 -4.39 -28.08
N THR A 379 8.54 -5.39 -28.96
CA THR A 379 7.61 -5.37 -30.09
C THR A 379 6.17 -5.55 -29.56
N ILE A 380 6.02 -6.40 -28.55
CA ILE A 380 4.72 -6.66 -27.92
C ILE A 380 4.21 -5.41 -27.26
N ILE A 381 5.04 -4.73 -26.46
CA ILE A 381 4.62 -3.46 -25.86
C ILE A 381 4.18 -2.45 -26.92
N ALA A 382 4.99 -2.32 -27.96
CA ALA A 382 4.72 -1.33 -29.00
C ALA A 382 3.37 -1.63 -29.64
N ALA A 383 3.10 -2.90 -29.91
CA ALA A 383 1.85 -3.33 -30.53
C ALA A 383 0.65 -3.07 -29.62
N LEU A 384 0.89 -2.85 -28.32
CA LEU A 384 -0.20 -2.67 -27.36
C LEU A 384 -0.38 -1.21 -26.88
N THR A 385 0.48 -0.31 -27.38
CA THR A 385 0.49 1.07 -26.90
C THR A 385 -0.31 2.00 -27.76
N CYS A 386 -1.32 2.63 -27.13
CA CYS A 386 -2.08 3.70 -27.75
C CYS A 386 -2.56 3.35 -29.16
N LYS A 387 -3.15 2.16 -29.33
CA LYS A 387 -3.63 1.71 -30.67
C LYS A 387 -5.06 2.07 -30.99
N LYS A 388 -5.93 2.14 -29.96
CA LYS A 388 -7.32 2.52 -30.17
C LYS A 388 -7.59 3.71 -29.26
N PRO A 389 -8.32 4.72 -29.78
CA PRO A 389 -8.59 5.95 -29.02
C PRO A 389 -9.09 5.74 -27.60
N ASP A 390 -9.92 4.73 -27.38
CA ASP A 390 -10.52 4.54 -26.06
C ASP A 390 -10.06 3.21 -25.41
N GLN A 391 -8.91 2.71 -25.84
CA GLN A 391 -8.30 1.51 -25.32
C GLN A 391 -8.46 1.40 -23.79
N HIS A 392 -8.95 0.28 -23.31
CA HIS A 392 -9.24 0.10 -21.88
C HIS A 392 -8.19 -0.64 -21.05
N PHE A 393 -6.95 -0.64 -21.52
CA PHE A 393 -5.79 -1.07 -20.76
C PHE A 393 -4.59 -0.25 -21.22
N LYS A 394 -3.54 -0.23 -20.39
CA LYS A 394 -2.25 0.36 -20.76
C LYS A 394 -1.10 -0.62 -20.43
N PRO A 395 -0.28 -0.97 -21.42
CA PRO A 395 0.88 -1.85 -21.16
C PRO A 395 2.07 -1.13 -20.47
N TYR A 396 2.79 -1.88 -19.66
CA TYR A 396 3.96 -1.40 -18.92
C TYR A 396 4.99 -2.53 -18.87
N MET A 397 6.27 -2.19 -18.95
CA MET A 397 7.31 -3.08 -18.44
C MET A 397 7.14 -2.95 -16.90
N LYS A 398 7.31 -4.04 -16.15
CA LYS A 398 6.93 -3.98 -14.73
C LYS A 398 7.73 -2.92 -13.97
N GLN A 399 8.99 -2.69 -14.38
CA GLN A 399 9.80 -1.66 -13.72
C GLN A 399 9.26 -0.24 -13.90
N HIS A 400 8.34 -0.05 -14.86
CA HIS A 400 7.77 1.25 -15.14
C HIS A 400 6.42 1.42 -14.52
N LEU A 401 5.88 0.39 -13.88
CA LEU A 401 4.60 0.58 -13.20
C LEU A 401 4.79 1.66 -12.13
N PRO A 402 3.73 2.42 -11.81
CA PRO A 402 3.85 3.35 -10.67
C PRO A 402 4.44 2.70 -9.43
N LYS A 403 5.40 3.38 -8.82
CA LYS A 403 6.09 2.83 -7.68
C LYS A 403 5.19 2.55 -6.48
N ARG A 404 4.07 3.28 -6.34
CA ARG A 404 3.12 3.09 -5.25
C ARG A 404 2.56 1.68 -5.23
N LEU A 405 2.49 0.97 -6.39
CA LEU A 405 1.96 -0.42 -6.43
C LEU A 405 2.95 -1.47 -5.92
N HIS A 406 4.24 -1.09 -5.83
CA HIS A 406 5.30 -2.01 -5.37
C HIS A 406 5.14 -3.36 -6.03
N TYR A 407 5.02 -3.34 -7.35
CA TYR A 407 4.67 -4.60 -8.01
C TYR A 407 5.65 -4.98 -9.09
N ALA A 408 6.83 -5.39 -8.68
CA ALA A 408 7.86 -5.75 -9.66
C ALA A 408 8.87 -6.70 -9.14
N ASN A 409 9.28 -6.60 -7.86
CA ASN A 409 10.46 -7.34 -7.41
C ASN A 409 10.16 -8.81 -7.06
N ASN A 410 9.69 -9.56 -8.06
CA ASN A 410 9.45 -10.98 -7.82
C ASN A 410 9.49 -11.72 -9.16
N ARG A 411 10.17 -12.87 -9.23
CA ARG A 411 10.31 -13.60 -10.47
C ARG A 411 8.96 -14.19 -10.97
N ARG A 412 7.93 -14.21 -10.11
CA ARG A 412 6.57 -14.62 -10.50
C ARG A 412 5.75 -13.49 -11.14
N ILE A 413 6.31 -12.28 -11.12
CA ILE A 413 5.66 -11.15 -11.82
C ILE A 413 6.26 -11.02 -13.21
N GLU A 414 5.42 -11.21 -14.24
CA GLU A 414 5.91 -11.25 -15.61
C GLU A 414 6.42 -9.85 -15.99
N ASP A 415 7.46 -9.78 -16.85
CA ASP A 415 7.99 -8.47 -17.31
C ASP A 415 6.96 -7.50 -17.93
N ILE A 416 6.00 -8.04 -18.69
CA ILE A 416 4.96 -7.23 -19.28
C ILE A 416 3.67 -7.25 -18.45
N HIS A 417 3.14 -6.06 -18.15
CA HIS A 417 1.99 -5.93 -17.29
C HIS A 417 0.99 -4.99 -17.94
N LEU A 418 -0.30 -5.34 -17.87
CA LEU A 418 -1.31 -4.47 -18.44
C LEU A 418 -2.15 -3.99 -17.26
N LEU A 419 -2.19 -2.68 -17.06
CA LEU A 419 -3.12 -2.14 -16.08
C LEU A 419 -4.46 -1.90 -16.77
N VAL A 420 -5.51 -2.56 -16.28
CA VAL A 420 -6.80 -2.58 -16.94
C VAL A 420 -7.69 -1.54 -16.31
N ASP A 421 -8.41 -0.76 -17.13
CA ASP A 421 -9.38 0.17 -16.64
C ASP A 421 -10.46 -0.46 -15.77
N ARG A 422 -10.85 0.25 -14.74
CA ARG A 422 -11.97 -0.20 -13.94
C ARG A 422 -13.17 -0.50 -14.87
N ARG A 423 -13.83 -1.63 -14.58
CA ARG A 423 -15.07 -2.04 -15.23
CA ARG A 423 -15.07 -2.05 -15.24
C ARG A 423 -14.77 -2.94 -16.44
N TRP A 424 -13.48 -3.08 -16.78
CA TRP A 424 -13.06 -3.86 -17.95
C TRP A 424 -12.30 -5.14 -17.61
N HIS A 425 -12.22 -6.02 -18.58
CA HIS A 425 -11.34 -7.17 -18.58
C HIS A 425 -10.38 -7.12 -19.77
N VAL A 426 -9.26 -7.81 -19.65
CA VAL A 426 -8.48 -8.15 -20.84
C VAL A 426 -8.41 -9.67 -21.00
N ALA A 427 -8.49 -10.13 -22.27
CA ALA A 427 -8.37 -11.55 -22.58
C ALA A 427 -7.52 -11.75 -23.85
N ARG A 428 -7.03 -12.96 -24.07
CA ARG A 428 -6.09 -13.19 -25.14
C ARG A 428 -6.85 -13.28 -26.49
N LYS A 429 -7.90 -14.08 -26.54
CA LYS A 429 -8.68 -14.38 -27.78
CA LYS A 429 -8.70 -14.22 -27.77
C LYS A 429 -10.16 -14.43 -27.40
N PRO A 430 -11.09 -14.15 -28.36
CA PRO A 430 -12.51 -14.28 -28.00
C PRO A 430 -12.96 -15.63 -27.47
N LEU A 431 -12.27 -16.71 -27.86
CA LEU A 431 -12.73 -18.05 -27.43
C LEU A 431 -12.50 -18.31 -25.94
N ASP A 432 -11.62 -17.52 -25.32
CA ASP A 432 -11.38 -17.69 -23.88
C ASP A 432 -12.56 -17.23 -23.04
N VAL A 433 -13.35 -16.31 -23.59
CA VAL A 433 -14.44 -15.67 -22.86
C VAL A 433 -15.77 -16.33 -23.25
N TYR A 434 -16.03 -16.38 -24.56
CA TYR A 434 -17.31 -16.86 -25.09
C TYR A 434 -17.23 -18.34 -25.34
N LYS A 435 -17.65 -19.10 -24.33
CA LYS A 435 -17.59 -20.56 -24.27
C LYS A 435 -18.84 -21.20 -24.93
N LYS A 436 -18.68 -22.41 -25.47
CA LYS A 436 -19.68 -23.06 -26.35
C LYS A 436 -20.87 -23.73 -25.59
N PRO A 437 -22.06 -23.87 -26.24
CA PRO A 437 -22.65 -23.42 -27.53
C PRO A 437 -22.19 -22.03 -28.08
N SER A 438 -22.94 -20.96 -27.82
CA SER A 438 -22.39 -19.59 -28.06
C SER A 438 -22.56 -18.69 -26.82
N GLY A 439 -21.43 -18.11 -26.41
CA GLY A 439 -21.18 -17.60 -25.06
C GLY A 439 -22.13 -16.64 -24.37
N LYS A 440 -22.77 -17.12 -23.31
CA LYS A 440 -23.50 -16.26 -22.38
C LYS A 440 -22.60 -15.91 -21.17
N CYS A 441 -22.89 -14.79 -20.50
CA CYS A 441 -21.95 -14.24 -19.50
C CYS A 441 -21.96 -14.83 -18.08
N PHE A 442 -23.00 -14.51 -17.31
CA PHE A 442 -23.22 -15.01 -15.94
C PHE A 442 -22.20 -14.59 -14.86
N PHE A 443 -21.28 -13.65 -15.18
CA PHE A 443 -20.65 -12.83 -14.13
C PHE A 443 -20.92 -11.36 -14.35
N GLN A 444 -21.18 -10.63 -13.27
CA GLN A 444 -21.43 -9.20 -13.39
C GLN A 444 -20.57 -8.35 -12.46
N GLY A 445 -19.70 -9.00 -11.69
CA GLY A 445 -18.80 -8.27 -10.76
C GLY A 445 -17.39 -8.82 -10.82
N ASP A 446 -16.37 -7.97 -10.60
CA ASP A 446 -14.99 -8.54 -10.45
C ASP A 446 -14.11 -7.49 -9.74
N HIS A 447 -12.85 -7.85 -9.45
CA HIS A 447 -11.97 -6.99 -8.63
C HIS A 447 -10.56 -7.42 -9.07
N GLY A 448 -9.53 -6.64 -8.70
CA GLY A 448 -8.14 -6.90 -9.09
C GLY A 448 -7.47 -5.65 -9.63
N PHE A 449 -8.25 -4.61 -9.94
CA PHE A 449 -7.75 -3.34 -10.52
C PHE A 449 -6.82 -2.60 -9.51
N ASP A 450 -6.10 -1.63 -10.02
CA ASP A 450 -5.31 -0.61 -9.30
C ASP A 450 -5.92 -0.33 -7.92
N ASN A 451 -5.09 -0.40 -6.90
CA ASN A 451 -5.61 -0.28 -5.51
C ASN A 451 -6.06 1.09 -5.07
N LYS A 452 -5.91 2.10 -5.92
CA LYS A 452 -6.48 3.42 -5.65
C LYS A 452 -7.95 3.55 -6.08
N VAL A 453 -8.46 2.58 -6.84
CA VAL A 453 -9.81 2.70 -7.45
C VAL A 453 -10.87 2.58 -6.36
N ASN A 454 -11.81 3.53 -6.31
CA ASN A 454 -12.80 3.59 -5.24
C ASN A 454 -13.52 2.27 -4.99
N SER A 455 -13.95 1.64 -6.09
CA SER A 455 -14.70 0.41 -5.95
C SER A 455 -13.89 -0.74 -5.34
N MET A 456 -12.56 -0.67 -5.42
CA MET A 456 -11.69 -1.71 -4.81
C MET A 456 -11.45 -1.48 -3.29
N GLN A 457 -11.82 -0.31 -2.76
CA GLN A 457 -11.58 -0.06 -1.31
C GLN A 457 -12.42 -1.00 -0.43
N THR A 458 -11.92 -1.29 0.77
CA THR A 458 -12.60 -2.25 1.60
C THR A 458 -12.76 -1.67 3.01
N VAL A 459 -13.02 -2.52 4.00
CA VAL A 459 -13.43 -2.00 5.32
C VAL A 459 -12.45 -2.32 6.42
N PHE A 460 -12.47 -1.49 7.47
CA PHE A 460 -11.83 -1.83 8.75
C PHE A 460 -12.65 -1.30 9.94
N VAL A 461 -12.92 -2.20 10.89
CA VAL A 461 -13.49 -1.85 12.18
C VAL A 461 -12.68 -2.59 13.25
N GLY A 462 -12.26 -1.89 14.32
CA GLY A 462 -11.65 -2.56 15.48
C GLY A 462 -12.53 -2.29 16.70
N TYR A 463 -12.86 -3.35 17.45
CA TYR A 463 -13.73 -3.19 18.59
C TYR A 463 -13.14 -3.98 19.77
N GLY A 464 -13.08 -3.36 20.95
CA GLY A 464 -12.56 -4.13 22.10
C GLY A 464 -11.88 -3.19 23.08
N PRO A 465 -11.35 -3.73 24.20
CA PRO A 465 -10.68 -2.89 25.22
C PRO A 465 -9.47 -2.10 24.73
N THR A 466 -8.72 -2.63 23.76
CA THR A 466 -7.47 -2.04 23.30
C THR A 466 -7.71 -1.01 22.22
N PHE A 467 -8.85 -1.11 21.52
CA PHE A 467 -9.22 -0.10 20.52
C PHE A 467 -9.88 1.10 21.16
N LYS A 468 -9.90 2.23 20.47
CA LYS A 468 -10.59 3.42 21.01
C LYS A 468 -12.10 3.27 20.92
N TYR A 469 -12.79 4.13 21.66
CA TYR A 469 -14.24 4.11 21.77
C TYR A 469 -14.85 5.14 20.81
N ARG A 470 -15.83 4.74 20.02
CA ARG A 470 -16.51 5.67 19.10
C ARG A 470 -15.59 6.61 18.35
N THR A 471 -14.56 6.08 17.70
CA THR A 471 -13.55 6.88 17.08
C THR A 471 -13.46 6.59 15.58
N LYS A 472 -13.50 7.67 14.79
N LYS A 472 -13.46 7.66 14.78
CA LYS A 472 -13.12 7.61 13.38
CA LYS A 472 -13.18 7.55 13.34
C LYS A 472 -11.62 7.81 13.22
C LYS A 472 -11.73 7.93 13.01
N VAL A 473 -11.02 7.06 12.30
CA VAL A 473 -9.65 7.32 11.92
C VAL A 473 -9.60 7.48 10.41
N PRO A 474 -8.57 8.18 9.88
CA PRO A 474 -8.50 8.29 8.41
C PRO A 474 -8.22 6.94 7.76
N PRO A 475 -8.52 6.85 6.46
CA PRO A 475 -8.18 5.66 5.66
C PRO A 475 -6.69 5.38 5.70
N PHE A 476 -6.33 4.09 5.67
CA PHE A 476 -4.93 3.65 5.75
C PHE A 476 -4.85 2.34 4.96
N GLU A 477 -3.66 1.82 4.82
CA GLU A 477 -3.35 0.71 3.94
C GLU A 477 -3.30 -0.56 4.73
N ASN A 478 -3.80 -1.64 4.13
CA ASN A 478 -3.81 -2.93 4.84
C ASN A 478 -2.44 -3.49 5.31
N ILE A 479 -1.37 -3.10 4.62
CA ILE A 479 -0.03 -3.49 5.05
C ILE A 479 0.35 -3.02 6.50
N GLU A 480 -0.42 -2.05 7.04
CA GLU A 480 -0.15 -1.51 8.37
C GLU A 480 -0.71 -2.38 9.48
N LEU A 481 -1.65 -3.28 9.18
CA LEU A 481 -2.40 -3.97 10.24
C LEU A 481 -1.56 -4.99 11.00
N TYR A 482 -0.65 -5.67 10.30
CA TYR A 482 0.14 -6.70 10.98
C TYR A 482 0.81 -6.13 12.27
N ASN A 483 1.42 -4.94 12.16
CA ASN A 483 2.12 -4.30 13.31
C ASN A 483 1.10 -4.09 14.45
N VAL A 484 -0.08 -3.65 14.07
CA VAL A 484 -1.08 -3.35 15.08
C VAL A 484 -1.55 -4.66 15.71
N MET A 485 -1.76 -5.71 14.91
CA MET A 485 -2.13 -6.99 15.51
C MET A 485 -1.05 -7.53 16.46
N CYS A 486 0.23 -7.40 16.08
CA CYS A 486 1.32 -7.76 16.97
C CYS A 486 1.26 -6.94 18.29
N ASP A 487 1.00 -5.62 18.19
CA ASP A 487 0.81 -4.76 19.40
C ASP A 487 -0.35 -5.29 20.28
N LEU A 488 -1.44 -5.68 19.63
CA LEU A 488 -2.62 -6.21 20.31
C LEU A 488 -2.33 -7.48 21.09
N LEU A 489 -1.28 -8.19 20.72
CA LEU A 489 -0.92 -9.48 21.25
C LEU A 489 0.37 -9.47 22.07
N GLY A 490 0.99 -8.29 22.22
CA GLY A 490 2.28 -8.14 22.88
C GLY A 490 3.42 -8.80 22.08
N LEU A 491 3.31 -8.85 20.76
CA LEU A 491 4.37 -9.49 19.99
C LEU A 491 5.31 -8.45 19.41
N LYS A 492 6.56 -8.84 19.19
CA LYS A 492 7.47 -8.06 18.36
C LYS A 492 7.21 -8.45 16.87
N PRO A 493 6.82 -7.48 16.02
CA PRO A 493 6.55 -7.88 14.61
C PRO A 493 7.84 -8.33 13.86
N ALA A 494 7.75 -9.32 12.98
CA ALA A 494 8.84 -9.60 12.08
C ALA A 494 9.02 -8.35 11.15
N PRO A 495 10.18 -8.20 10.49
CA PRO A 495 10.39 -7.05 9.58
C PRO A 495 9.32 -7.04 8.48
N ASN A 496 8.66 -5.90 8.29
CA ASN A 496 7.59 -5.86 7.31
C ASN A 496 7.47 -4.47 6.71
N ASN A 497 6.44 -4.22 5.89
CA ASN A 497 6.36 -2.99 5.10
C ASN A 497 5.44 -1.93 5.76
N GLY A 498 4.80 -2.30 6.86
CA GLY A 498 4.10 -1.31 7.70
C GLY A 498 5.12 -0.30 8.23
N THR A 499 4.60 0.83 8.68
CA THR A 499 5.40 1.82 9.41
C THR A 499 4.89 1.81 10.83
N HIS A 500 5.63 1.14 11.73
CA HIS A 500 5.12 0.88 13.07
C HIS A 500 5.07 2.22 13.85
N GLY A 501 3.87 2.56 14.35
CA GLY A 501 3.55 3.85 15.00
C GLY A 501 2.57 4.67 14.16
N SER A 502 2.51 4.39 12.85
CA SER A 502 1.58 5.15 11.97
C SER A 502 0.08 4.90 12.30
N LEU A 503 -0.25 3.76 12.92
CA LEU A 503 -1.62 3.48 13.40
C LEU A 503 -1.77 3.48 14.93
N ASN A 504 -0.78 4.04 15.65
CA ASN A 504 -0.95 4.17 17.11
C ASN A 504 -2.26 4.87 17.46
N HIS A 505 -2.72 5.81 16.63
CA HIS A 505 -3.97 6.53 16.86
C HIS A 505 -5.28 5.68 16.82
N LEU A 506 -5.15 4.40 16.45
CA LEU A 506 -6.29 3.49 16.55
C LEU A 506 -6.49 2.94 17.97
N LEU A 507 -5.46 3.05 18.79
CA LEU A 507 -5.38 2.26 20.02
C LEU A 507 -5.48 3.12 21.27
N ARG A 508 -6.18 2.55 22.25
CA ARG A 508 -6.41 3.23 23.53
C ARG A 508 -5.14 3.12 24.33
N THR A 509 -4.48 1.96 24.26
CA THR A 509 -3.25 1.73 25.00
C THR A 509 -2.20 1.16 24.03
N ASN A 510 -1.13 1.94 23.82
CA ASN A 510 -0.05 1.56 22.90
C ASN A 510 1.11 0.84 23.54
N THR A 511 1.55 -0.24 22.95
CA THR A 511 2.72 -0.90 23.49
C THR A 511 4.00 -0.49 22.74
N PHE A 512 3.85 0.23 21.63
CA PHE A 512 5.02 0.58 20.83
C PHE A 512 5.23 2.10 20.78
N ARG A 513 6.43 2.54 21.15
CA ARG A 513 6.81 3.97 21.14
C ARG A 513 7.80 4.18 20.01
N PRO A 514 7.32 4.71 18.87
CA PRO A 514 8.25 4.82 17.76
C PRO A 514 9.26 5.95 18.05
N THR A 515 10.45 5.86 17.48
CA THR A 515 11.47 6.91 17.57
C THR A 515 12.16 7.05 16.20
N MET A 516 12.76 8.22 15.95
CA MET A 516 13.29 8.54 14.63
C MET A 516 14.55 7.71 14.39
N PRO A 517 14.76 7.27 13.15
CA PRO A 517 16.07 6.61 12.93
C PRO A 517 17.25 7.55 13.16
N ASP A 518 18.39 6.99 13.57
CA ASP A 518 19.54 7.86 13.83
C ASP A 518 20.12 8.26 12.47
N GLU A 519 20.56 9.52 12.36
CA GLU A 519 21.32 10.01 11.19
C GLU A 519 22.64 9.26 11.16
N VAL A 520 22.99 8.71 10.00
CA VAL A 520 24.23 7.95 9.82
C VAL A 520 25.36 8.85 9.26
N SER A 521 25.11 9.64 8.20
CA SER A 521 26.11 10.60 7.69
C SER A 521 25.86 12.01 8.08
N ARG A 522 26.86 12.67 8.63
CA ARG A 522 26.64 14.09 8.90
C ARG A 522 27.16 14.93 7.73
N PRO A 523 26.51 16.06 7.45
CA PRO A 523 26.91 16.81 6.27
C PRO A 523 28.17 17.63 6.50
N ASN A 524 28.88 17.92 5.42
CA ASN A 524 29.87 19.01 5.36
C ASN A 524 29.17 20.33 5.07
N TYR A 525 29.73 21.45 5.55
CA TYR A 525 29.20 22.76 5.24
C TYR A 525 30.30 23.58 4.54
N PRO A 526 30.54 23.33 3.23
CA PRO A 526 31.70 23.99 2.62
C PRO A 526 31.50 25.48 2.41
N GLY A 527 32.60 26.22 2.54
CA GLY A 527 32.64 27.65 2.21
C GLY A 527 33.27 27.78 0.83
N ILE A 528 33.65 29.00 0.45
CA ILE A 528 34.25 29.28 -0.86
C ILE A 528 35.67 28.77 -0.88
N MET A 529 35.94 27.80 -1.73
CA MET A 529 37.18 27.06 -1.65
CA MET A 529 37.21 27.10 -1.64
C MET A 529 37.97 26.97 -2.94
N TYR A 530 37.34 27.31 -4.07
CA TYR A 530 37.91 27.10 -5.42
C TYR A 530 37.80 28.39 -6.23
N LEU A 531 38.82 28.68 -7.01
CA LEU A 531 38.73 29.86 -7.89
C LEU A 531 38.15 29.40 -9.20
N GLN A 532 37.42 30.28 -9.87
CA GLN A 532 36.82 29.97 -11.18
C GLN A 532 37.73 29.22 -12.15
N SER A 533 39.01 29.66 -12.25
CA SER A 533 39.90 29.10 -13.28
C SER A 533 40.38 27.68 -12.95
N GLU A 534 40.14 27.21 -11.73
CA GLU A 534 40.32 25.78 -11.38
C GLU A 534 39.34 24.80 -12.07
N PHE A 535 38.25 25.31 -12.61
CA PHE A 535 37.26 24.40 -13.22
C PHE A 535 37.48 24.32 -14.72
N ASP A 536 37.30 23.14 -15.28
CA ASP A 536 37.38 22.96 -16.70
C ASP A 536 36.17 22.09 -17.08
N LEU A 537 34.97 22.63 -16.91
CA LEU A 537 33.73 21.81 -17.01
C LEU A 537 33.08 21.96 -18.38
N GLY A 538 33.65 22.82 -19.24
CA GLY A 538 33.09 23.02 -20.59
C GLY A 538 31.78 23.77 -20.46
N CYS A 539 31.52 24.39 -19.32
CA CYS A 539 30.30 25.17 -19.15
C CYS A 539 30.52 26.63 -19.46
N THR A 540 29.48 27.33 -19.92
CA THR A 540 29.54 28.77 -20.09
C THR A 540 28.32 29.41 -19.48
N CYS A 541 28.47 30.64 -19.04
CA CYS A 541 27.31 31.44 -18.63
C CYS A 541 27.58 32.94 -18.87
N ASP A 542 26.55 33.67 -19.25
CA ASP A 542 26.67 35.11 -19.42
C ASP A 542 26.41 35.83 -18.07
N ASP A 543 27.33 35.68 -17.12
CA ASP A 543 27.02 36.13 -15.75
C ASP A 543 27.89 37.25 -15.12
N LYS A 544 28.77 37.86 -15.91
CA LYS A 544 29.65 38.92 -15.38
C LYS A 544 28.85 40.21 -15.10
N VAL A 545 27.67 40.29 -15.70
CA VAL A 545 26.66 41.37 -15.51
C VAL A 545 26.72 42.02 -14.11
N GLU A 546 26.76 43.36 -14.09
CA GLU A 546 26.87 44.17 -12.85
C GLU A 546 28.17 43.90 -12.08
N ASN A 549 28.83 48.76 -5.36
CA ASN A 549 27.85 48.30 -4.40
C ASN A 549 28.47 47.65 -3.15
N LYS A 550 27.78 47.81 -2.01
CA LYS A 550 28.23 47.34 -0.70
C LYS A 550 27.07 46.93 0.21
N LEU A 551 25.86 47.41 -0.13
CA LEU A 551 24.59 47.10 0.60
C LEU A 551 24.11 45.63 0.39
N GLU A 552 23.94 45.20 -0.87
CA GLU A 552 23.56 43.81 -1.17
C GLU A 552 24.79 42.89 -1.33
N GLU A 553 25.85 43.17 -0.56
CA GLU A 553 27.06 42.35 -0.57
C GLU A 553 27.21 41.49 0.69
N LEU A 554 26.89 42.06 1.86
CA LEU A 554 26.79 41.28 3.11
C LEU A 554 25.56 40.39 3.06
N ASN A 555 24.53 40.85 2.35
CA ASN A 555 23.26 40.14 2.18
C ASN A 555 23.41 38.83 1.36
N LYS A 556 24.22 38.90 0.31
CA LYS A 556 24.68 37.74 -0.48
C LYS A 556 25.42 36.69 0.38
N ARG A 557 26.37 37.14 1.20
CA ARG A 557 27.15 36.25 2.09
C ARG A 557 26.26 35.60 3.14
N LEU A 558 25.32 36.39 3.70
CA LEU A 558 24.37 35.94 4.74
C LEU A 558 23.51 34.78 4.21
N HIS A 559 22.99 34.95 2.98
CA HIS A 559 22.19 33.94 2.29
C HIS A 559 22.98 32.62 2.08
N THR A 560 24.17 32.72 1.50
CA THR A 560 25.09 31.55 1.33
C THR A 560 25.43 30.87 2.66
N LYS A 561 25.29 31.59 3.79
CA LYS A 561 25.61 30.99 5.10
C LYS A 561 24.35 30.48 5.82
N GLY A 562 23.18 30.64 5.20
CA GLY A 562 21.99 30.01 5.72
C GLY A 562 20.96 30.92 6.37
N SER A 563 20.96 32.21 6.02
CA SER A 563 20.03 33.17 6.64
C SER A 563 18.54 32.96 6.27
N THR A 564 18.26 32.66 5.00
CA THR A 564 16.87 32.35 4.60
C THR A 564 16.49 30.87 4.88
N LYS A 565 17.39 30.12 5.51
CA LYS A 565 17.18 28.66 5.63
C LYS A 565 15.89 28.26 6.34
N GLU A 566 15.50 29.04 7.36
N GLU A 566 15.50 29.04 7.35
CA GLU A 566 14.23 28.79 8.06
CA GLU A 566 14.24 28.79 8.06
C GLU A 566 13.03 28.97 7.13
C GLU A 566 13.01 29.02 7.16
N ARG A 567 13.19 29.74 6.06
CA ARG A 567 12.10 29.93 5.10
C ARG A 567 11.94 28.70 4.16
N HIS A 568 13.07 28.12 3.75
CA HIS A 568 13.06 27.13 2.66
C HIS A 568 13.20 25.71 3.16
N LEU A 569 13.69 25.55 4.40
CA LEU A 569 13.73 24.26 5.04
C LEU A 569 12.82 24.29 6.27
N LEU A 570 11.56 23.93 6.08
CA LEU A 570 10.57 24.20 7.12
C LEU A 570 10.41 23.13 8.18
N TYR A 571 10.97 21.95 7.93
CA TYR A 571 10.78 20.77 8.79
C TYR A 571 12.17 20.13 9.13
N GLY A 572 13.22 20.94 9.08
CA GLY A 572 14.60 20.47 9.41
C GLY A 572 15.25 19.85 8.21
N ARG A 573 16.56 19.64 8.22
CA ARG A 573 17.06 18.95 7.07
C ARG A 573 16.74 17.45 7.16
N PRO A 574 16.52 16.82 6.00
CA PRO A 574 16.29 15.39 5.97
C PRO A 574 17.52 14.68 6.56
N ALA A 575 17.34 13.59 7.31
CA ALA A 575 18.49 12.82 7.78
C ALA A 575 18.95 11.82 6.71
N VAL A 576 20.26 11.66 6.56
CA VAL A 576 20.83 10.68 5.65
C VAL A 576 21.09 9.40 6.45
N LEU A 577 20.44 8.31 6.04
CA LEU A 577 20.44 7.06 6.86
C LEU A 577 21.39 5.99 6.37
N TYR A 578 22.38 6.37 5.57
CA TYR A 578 23.44 5.46 5.16
C TYR A 578 24.75 6.26 5.10
N ARG A 579 25.85 5.54 4.94
CA ARG A 579 27.21 6.10 4.88
CA ARG A 579 27.18 6.14 4.90
C ARG A 579 27.44 6.75 3.53
N THR A 580 27.69 8.06 3.51
CA THR A 580 27.99 8.73 2.25
C THR A 580 28.72 10.02 2.53
N SER A 581 29.12 10.72 1.49
CA SER A 581 29.76 11.99 1.68
C SER A 581 28.94 13.10 0.98
N TYR A 582 28.42 14.05 1.75
CA TYR A 582 27.61 15.10 1.11
C TYR A 582 27.77 16.48 1.77
N ASP A 583 27.37 17.53 1.04
CA ASP A 583 27.52 18.94 1.49
C ASP A 583 26.14 19.61 1.62
N ILE A 584 25.95 20.39 2.66
CA ILE A 584 24.79 21.32 2.67
C ILE A 584 25.14 22.59 1.90
N LEU A 585 24.30 22.98 0.95
CA LEU A 585 24.56 24.20 0.14
C LEU A 585 23.38 25.15 0.34
N TYR A 586 23.63 26.35 0.89
CA TYR A 586 22.55 27.34 1.10
C TYR A 586 22.52 28.34 -0.03
N HIS A 587 21.34 28.87 -0.33
CA HIS A 587 21.15 29.91 -1.33
C HIS A 587 19.96 30.76 -0.88
N THR A 588 19.82 31.95 -1.47
CA THR A 588 18.64 32.78 -1.15
C THR A 588 17.31 32.05 -1.24
N ASP A 589 17.14 31.25 -2.29
CA ASP A 589 15.83 30.68 -2.65
C ASP A 589 15.66 29.21 -2.34
N PHE A 590 16.76 28.50 -2.08
CA PHE A 590 16.65 27.06 -1.84
C PHE A 590 17.83 26.58 -1.07
N GLU A 591 17.63 25.45 -0.40
CA GLU A 591 18.75 24.74 0.23
C GLU A 591 18.90 23.32 -0.37
N SER A 592 20.12 22.78 -0.43
CA SER A 592 20.22 21.39 -0.93
C SER A 592 21.23 20.55 -0.15
N GLY A 593 21.11 19.22 -0.27
CA GLY A 593 22.05 18.26 0.31
C GLY A 593 22.73 17.67 -0.91
N TYR A 594 23.96 18.08 -1.19
CA TYR A 594 24.68 17.73 -2.42
C TYR A 594 25.63 16.53 -2.24
N SER A 595 25.39 15.44 -2.97
CA SER A 595 26.18 14.23 -2.84
C SER A 595 27.45 14.29 -3.69
N GLU A 596 28.58 14.10 -3.04
CA GLU A 596 29.87 14.11 -3.74
C GLU A 596 30.09 12.78 -4.43
N ILE A 597 29.28 11.78 -4.08
CA ILE A 597 29.38 10.46 -4.69
C ILE A 597 28.56 10.41 -5.98
N PHE A 598 27.33 10.89 -5.92
CA PHE A 598 26.44 10.89 -7.09
C PHE A 598 26.54 12.14 -7.94
N LEU A 599 27.34 13.13 -7.47
CA LEU A 599 27.54 14.39 -8.20
C LEU A 599 26.26 15.19 -8.48
N MET A 600 25.31 15.13 -7.54
CA MET A 600 24.07 15.90 -7.67
C MET A 600 23.36 15.89 -6.33
N PRO A 601 22.35 16.76 -6.14
CA PRO A 601 21.67 16.76 -4.84
C PRO A 601 20.92 15.47 -4.58
N LEU A 602 20.96 14.99 -3.33
CA LEU A 602 20.04 13.95 -2.86
C LEU A 602 18.64 14.56 -2.62
N TRP A 603 18.63 15.85 -2.30
CA TRP A 603 17.36 16.58 -1.99
C TRP A 603 17.66 18.07 -2.15
N THR A 604 16.63 18.83 -2.52
CA THR A 604 16.67 20.27 -2.74
C THR A 604 15.34 20.75 -2.15
N SER A 605 15.41 21.69 -1.23
CA SER A 605 14.23 22.14 -0.51
C SER A 605 13.96 23.64 -0.74
N TYR A 606 12.70 24.03 -1.01
CA TYR A 606 12.40 25.42 -1.24
C TYR A 606 10.93 25.71 -0.97
N THR A 607 10.65 26.92 -0.54
CA THR A 607 9.26 27.31 -0.20
C THR A 607 8.80 28.36 -1.20
N ILE A 608 7.58 28.20 -1.70
CA ILE A 608 6.96 29.13 -2.66
C ILE A 608 5.66 29.64 -1.99
N SER A 609 5.61 30.94 -1.67
CA SER A 609 4.41 31.49 -0.99
C SER A 609 3.29 31.68 -2.02
N LYS A 610 2.06 31.87 -1.52
CA LYS A 610 0.91 32.16 -2.35
C LYS A 610 1.17 33.35 -3.27
N GLN A 611 1.90 34.34 -2.77
CA GLN A 611 2.19 35.58 -3.51
C GLN A 611 3.36 35.51 -4.49
N ALA A 612 4.04 34.36 -4.63
CA ALA A 612 5.27 34.34 -5.44
C ALA A 612 5.00 34.50 -6.91
N GLU A 613 5.95 35.10 -7.60
CA GLU A 613 5.85 35.37 -9.02
C GLU A 613 6.69 34.37 -9.80
N VAL A 614 6.20 34.00 -10.98
CA VAL A 614 6.86 33.12 -11.94
C VAL A 614 7.54 34.04 -12.95
N SER A 615 8.77 33.77 -13.29
CA SER A 615 9.44 34.58 -14.30
C SER A 615 10.02 33.64 -15.36
N SER A 616 10.57 34.19 -16.45
CA SER A 616 11.12 33.28 -17.44
C SER A 616 12.63 33.06 -17.19
N ILE A 617 13.23 32.17 -17.95
CA ILE A 617 14.67 32.15 -18.04
C ILE A 617 15.04 33.17 -19.13
N PRO A 618 15.72 34.26 -18.73
CA PRO A 618 16.13 35.29 -19.68
C PRO A 618 16.89 34.69 -20.82
N GLU A 619 16.74 35.30 -21.99
CA GLU A 619 17.36 34.86 -23.23
C GLU A 619 18.85 34.60 -23.14
N HIS A 620 19.57 35.52 -22.50
CA HIS A 620 21.04 35.48 -22.44
C HIS A 620 21.48 34.35 -21.48
N LEU A 621 20.54 33.82 -20.70
CA LEU A 621 20.81 32.70 -19.75
C LEU A 621 20.32 31.31 -20.17
N THR A 622 19.83 31.17 -21.39
CA THR A 622 19.22 29.92 -21.81
C THR A 622 20.10 28.70 -21.51
N ASN A 623 21.37 28.76 -21.91
CA ASN A 623 22.31 27.64 -21.75
C ASN A 623 23.35 27.88 -20.63
N CYS A 624 23.02 28.78 -19.72
CA CYS A 624 23.91 29.13 -18.64
C CYS A 624 24.06 27.98 -17.63
N VAL A 625 25.30 27.54 -17.41
CA VAL A 625 25.66 26.64 -16.26
C VAL A 625 26.91 27.19 -15.58
N ARG A 626 26.84 27.38 -14.28
CA ARG A 626 27.92 28.02 -13.48
C ARG A 626 28.59 27.08 -12.48
N PRO A 627 29.97 27.02 -12.49
CA PRO A 627 30.72 26.30 -11.46
C PRO A 627 30.36 26.83 -10.06
N ASP A 628 30.36 25.93 -9.10
CA ASP A 628 30.02 26.24 -7.72
C ASP A 628 31.35 26.30 -6.93
N VAL A 629 31.77 27.50 -6.56
CA VAL A 629 33.08 27.67 -5.91
C VAL A 629 33.24 27.01 -4.54
N ARG A 630 32.12 26.52 -3.96
CA ARG A 630 32.13 25.71 -2.72
C ARG A 630 32.48 24.23 -2.91
N VAL A 631 32.46 23.76 -4.16
CA VAL A 631 32.51 22.32 -4.49
C VAL A 631 33.59 22.07 -5.54
N SER A 632 34.45 21.11 -5.26
CA SER A 632 35.61 20.86 -6.09
CA SER A 632 35.61 20.85 -6.08
C SER A 632 35.23 20.46 -7.51
N PRO A 633 36.06 20.84 -8.51
CA PRO A 633 35.92 20.38 -9.89
C PRO A 633 35.75 18.86 -9.92
N GLY A 634 36.52 18.13 -9.12
CA GLY A 634 36.48 16.66 -9.12
C GLY A 634 35.14 16.09 -8.64
N PHE A 635 34.38 16.88 -7.89
CA PHE A 635 33.06 16.42 -7.38
C PHE A 635 31.90 17.16 -8.04
N SER A 636 32.14 17.70 -9.24
CA SER A 636 31.14 18.41 -10.02
C SER A 636 30.77 17.64 -11.29
N GLN A 637 29.57 17.88 -11.82
CA GLN A 637 29.25 17.44 -13.18
C GLN A 637 30.01 18.37 -14.18
N ASN A 638 29.89 18.09 -15.47
CA ASN A 638 30.55 18.91 -16.49
C ASN A 638 29.64 18.96 -17.70
N CYS A 639 29.59 20.13 -18.34
CA CYS A 639 28.75 20.37 -19.52
C CYS A 639 29.15 19.56 -20.73
N LEU A 640 30.44 19.26 -20.87
CA LEU A 640 30.90 18.50 -22.04
C LEU A 640 30.19 17.16 -22.20
N ALA A 641 30.05 16.43 -21.11
CA ALA A 641 29.36 15.13 -21.11
C ALA A 641 27.96 15.29 -21.69
N TYR A 642 27.24 16.34 -21.29
CA TYR A 642 25.91 16.57 -21.82
C TYR A 642 25.95 16.90 -23.30
N LYS A 643 26.94 17.68 -23.73
CA LYS A 643 27.07 17.98 -25.14
C LYS A 643 27.30 16.68 -25.92
N ASN A 644 28.18 15.81 -25.42
CA ASN A 644 28.55 14.60 -26.13
C ASN A 644 27.45 13.54 -26.17
N ASP A 645 26.59 13.54 -25.16
CA ASP A 645 25.59 12.49 -25.01
C ASP A 645 24.40 12.99 -25.76
N LYS A 646 24.16 12.42 -26.93
CA LYS A 646 23.07 12.88 -27.81
C LYS A 646 21.66 12.48 -27.33
N GLN A 647 21.54 11.58 -26.36
CA GLN A 647 20.22 11.21 -25.82
C GLN A 647 19.85 12.04 -24.60
N MET A 648 20.87 12.52 -23.90
CA MET A 648 20.67 12.97 -22.52
C MET A 648 20.84 14.46 -22.42
N SER A 649 19.87 15.16 -21.84
CA SER A 649 20.00 16.58 -21.60
C SER A 649 20.10 16.85 -20.07
N TYR A 650 19.75 18.06 -19.62
CA TYR A 650 19.77 18.31 -18.17
C TYR A 650 18.65 19.27 -17.77
N GLY A 651 18.30 19.26 -16.48
CA GLY A 651 17.27 20.17 -15.95
C GLY A 651 17.84 20.59 -14.59
N PHE A 652 17.04 21.31 -13.81
CA PHE A 652 17.47 21.84 -12.55
C PHE A 652 16.48 21.48 -11.47
N LEU A 653 16.97 21.19 -10.26
CA LEU A 653 16.06 20.78 -9.17
C LEU A 653 15.31 21.97 -8.61
N PHE A 654 16.03 23.04 -8.23
CA PHE A 654 15.30 24.27 -7.91
C PHE A 654 15.03 24.99 -9.25
N PRO A 655 13.76 25.35 -9.53
CA PRO A 655 13.44 25.85 -10.89
C PRO A 655 13.85 27.35 -11.09
N PRO A 656 14.62 27.66 -12.14
CA PRO A 656 14.93 29.10 -12.37
C PRO A 656 13.66 29.98 -12.46
N TYR A 657 12.53 29.41 -12.89
CA TYR A 657 11.28 30.18 -13.06
C TYR A 657 10.77 30.78 -11.78
N LEU A 658 11.27 30.30 -10.65
CA LEU A 658 10.71 30.69 -9.37
C LEU A 658 11.66 31.47 -8.50
N SER A 659 12.76 31.91 -9.10
CA SER A 659 13.73 32.82 -8.44
C SER A 659 13.07 34.07 -7.82
N SER A 660 13.60 34.50 -6.68
CA SER A 660 12.92 35.63 -6.00
C SER A 660 13.35 36.98 -6.62
N SER A 661 14.41 37.00 -7.41
CA SER A 661 14.96 38.24 -7.96
C SER A 661 15.86 37.85 -9.11
N PRO A 662 16.04 38.75 -10.09
CA PRO A 662 16.91 38.43 -11.23
C PRO A 662 18.30 38.05 -10.76
N GLU A 663 18.74 38.66 -9.68
CA GLU A 663 20.03 38.33 -9.10
C GLU A 663 20.05 36.91 -8.47
N ALA A 664 19.02 36.56 -7.71
CA ALA A 664 18.98 35.22 -7.08
C ALA A 664 18.90 34.15 -8.18
N LYS A 665 18.28 34.49 -9.33
CA LYS A 665 18.17 33.53 -10.41
C LYS A 665 19.49 32.91 -10.83
N TYR A 666 20.60 33.65 -10.70
CA TYR A 666 21.91 33.09 -11.05
C TYR A 666 22.25 31.84 -10.24
N ASP A 667 21.83 31.79 -8.97
CA ASP A 667 22.06 30.58 -8.13
C ASP A 667 21.37 29.36 -8.73
N ALA A 668 20.26 29.55 -9.43
CA ALA A 668 19.56 28.36 -9.98
C ALA A 668 20.32 27.72 -11.12
N PHE A 669 21.31 28.41 -11.68
CA PHE A 669 22.10 27.80 -12.75
C PHE A 669 23.41 27.19 -12.31
N LEU A 670 23.66 27.13 -10.99
CA LEU A 670 24.84 26.39 -10.50
C LEU A 670 24.88 24.95 -10.97
N VAL A 671 26.07 24.46 -11.27
CA VAL A 671 26.30 23.08 -11.66
C VAL A 671 25.84 22.09 -10.59
N THR A 672 25.77 22.57 -9.34
CA THR A 672 25.34 21.76 -8.25
C THR A 672 23.82 21.67 -8.07
N ASN A 673 23.04 22.35 -8.93
CA ASN A 673 21.56 22.28 -8.96
C ASN A 673 21.11 21.49 -10.24
N MET A 674 22.05 21.04 -11.07
CA MET A 674 21.77 20.36 -12.36
CA MET A 674 21.68 20.37 -12.33
C MET A 674 21.62 18.85 -12.18
N VAL A 675 20.76 18.22 -12.99
CA VAL A 675 20.51 16.80 -12.95
C VAL A 675 20.26 16.33 -14.40
N PRO A 676 20.65 15.09 -14.72
CA PRO A 676 20.44 14.57 -16.11
C PRO A 676 18.97 14.32 -16.39
N MET A 677 18.50 14.84 -17.53
CA MET A 677 17.11 14.66 -17.96
C MET A 677 17.01 14.41 -19.45
N TYR A 678 16.30 13.34 -19.81
CA TYR A 678 15.93 13.10 -21.22
C TYR A 678 15.06 14.26 -21.67
N PRO A 679 15.21 14.72 -22.94
CA PRO A 679 14.36 15.77 -23.47
C PRO A 679 12.88 15.45 -23.33
N ALA A 680 12.50 14.18 -23.53
CA ALA A 680 11.09 13.79 -23.36
C ALA A 680 10.64 14.10 -21.90
N PHE A 681 11.48 13.76 -20.94
CA PHE A 681 11.17 14.02 -19.53
C PHE A 681 11.18 15.52 -19.19
N LYS A 682 12.07 16.27 -19.85
CA LYS A 682 12.15 17.72 -19.61
C LYS A 682 10.83 18.41 -19.92
N ARG A 683 10.06 17.90 -20.88
CA ARG A 683 8.70 18.42 -21.08
C ARG A 683 7.84 18.34 -19.82
N VAL A 684 7.91 17.18 -19.14
CA VAL A 684 7.12 16.96 -17.93
C VAL A 684 7.58 17.90 -16.79
N TRP A 685 8.91 17.88 -16.55
CA TRP A 685 9.53 18.57 -15.43
C TRP A 685 9.34 20.07 -15.54
N ALA A 686 9.51 20.60 -16.76
CA ALA A 686 9.42 22.02 -16.99
C ALA A 686 7.99 22.49 -16.76
N TYR A 687 7.02 21.69 -17.21
CA TYR A 687 5.62 22.04 -16.95
C TYR A 687 5.30 22.03 -15.44
N PHE A 688 5.82 21.04 -14.74
CA PHE A 688 5.62 20.94 -13.31
C PHE A 688 6.18 22.20 -12.60
N GLN A 689 7.40 22.56 -12.95
CA GLN A 689 8.14 23.63 -12.29
C GLN A 689 7.60 25.01 -12.65
N ARG A 690 7.21 25.19 -13.93
CA ARG A 690 6.82 26.53 -14.44
C ARG A 690 5.37 26.80 -14.11
N VAL A 691 4.53 25.76 -14.22
CA VAL A 691 3.07 25.93 -14.06
C VAL A 691 2.50 25.36 -12.77
N LEU A 692 2.79 24.08 -12.49
CA LEU A 692 2.11 23.40 -11.41
C LEU A 692 2.53 23.84 -10.02
N VAL A 693 3.82 24.06 -9.81
CA VAL A 693 4.23 24.48 -8.42
C VAL A 693 3.46 25.75 -8.00
N LYS A 694 3.43 26.74 -8.89
CA LYS A 694 2.74 27.98 -8.57
CA LYS A 694 2.74 28.00 -8.64
C LYS A 694 1.25 27.75 -8.40
N LYS A 695 0.65 26.92 -9.22
CA LYS A 695 -0.74 26.58 -9.00
C LYS A 695 -1.00 25.98 -7.61
N TYR A 696 -0.18 25.01 -7.19
CA TYR A 696 -0.33 24.40 -5.87
C TYR A 696 -0.09 25.47 -4.79
N ALA A 697 0.91 26.36 -4.96
CA ALA A 697 1.10 27.43 -3.97
C ALA A 697 -0.19 28.31 -3.88
N SER A 698 -0.80 28.61 -5.02
CA SER A 698 -2.05 29.42 -5.04
CA SER A 698 -2.01 29.44 -4.96
CA SER A 698 -2.03 29.41 -5.03
C SER A 698 -3.18 28.70 -4.32
N GLU A 699 -3.34 27.41 -4.62
CA GLU A 699 -4.42 26.62 -4.04
C GLU A 699 -4.22 26.26 -2.58
N ARG A 700 -2.97 26.09 -2.13
CA ARG A 700 -2.74 25.53 -0.80
C ARG A 700 -2.26 26.56 0.22
N ASN A 701 -2.19 27.83 -0.23
CA ASN A 701 -1.63 28.95 0.56
C ASN A 701 -0.14 28.76 0.86
N GLY A 702 0.61 28.62 -0.23
CA GLY A 702 2.06 28.41 -0.14
C GLY A 702 2.30 26.92 -0.14
N VAL A 703 3.43 26.50 -0.68
CA VAL A 703 3.89 25.12 -0.50
C VAL A 703 5.38 25.11 -0.24
N ASN A 704 5.83 24.12 0.52
CA ASN A 704 7.24 23.76 0.59
C ASN A 704 7.46 22.53 -0.32
N VAL A 705 8.52 22.57 -1.13
CA VAL A 705 8.81 21.49 -2.06
C VAL A 705 10.18 20.90 -1.73
N ILE A 706 10.26 19.59 -1.60
CA ILE A 706 11.56 18.92 -1.62
C ILE A 706 11.60 18.00 -2.83
N SER A 707 12.60 18.17 -3.68
CA SER A 707 12.72 17.40 -4.93
C SER A 707 14.08 16.73 -4.98
N GLY A 708 14.18 15.61 -5.71
CA GLY A 708 15.49 14.97 -5.87
C GLY A 708 15.40 13.81 -6.83
N PRO A 709 16.55 13.17 -7.10
CA PRO A 709 16.67 12.00 -7.95
C PRO A 709 16.40 10.71 -7.17
N ILE A 710 16.00 9.65 -7.87
CA ILE A 710 15.91 8.33 -7.27
C ILE A 710 16.60 7.36 -8.22
N PHE A 711 17.35 6.43 -7.64
CA PHE A 711 18.04 5.36 -8.44
C PHE A 711 17.54 4.00 -7.96
N ASP A 712 16.79 3.31 -8.83
CA ASP A 712 16.32 1.98 -8.46
C ASP A 712 16.39 1.10 -9.68
N TYR A 713 17.60 0.82 -10.18
CA TYR A 713 17.75 -0.01 -11.36
C TYR A 713 17.35 -1.46 -11.18
N ASN A 714 17.33 -1.96 -9.95
CA ASN A 714 16.89 -3.36 -9.74
C ASN A 714 15.44 -3.44 -9.23
N TYR A 715 14.73 -2.32 -9.37
CA TYR A 715 13.29 -2.21 -9.05
C TYR A 715 12.86 -2.94 -7.78
N ASP A 716 13.64 -2.77 -6.69
CA ASP A 716 13.28 -3.43 -5.41
C ASP A 716 12.64 -2.42 -4.42
N GLY A 717 12.39 -1.22 -4.94
CA GLY A 717 11.74 -0.15 -4.16
C GLY A 717 12.73 0.46 -3.16
N LEU A 718 14.01 0.10 -3.25
CA LEU A 718 15.03 0.53 -2.25
C LEU A 718 16.16 1.28 -2.92
N ARG A 719 16.73 2.26 -2.21
CA ARG A 719 17.89 3.03 -2.68
CA ARG A 719 17.88 3.02 -2.71
C ARG A 719 19.01 2.12 -3.25
N ASP A 720 19.44 2.41 -4.48
CA ASP A 720 20.57 1.68 -5.06
C ASP A 720 21.86 2.17 -4.45
N THR A 721 22.77 1.25 -4.23
CA THR A 721 24.17 1.63 -3.98
C THR A 721 24.83 2.02 -5.32
N GLU A 722 25.95 2.72 -5.25
CA GLU A 722 26.53 3.25 -6.48
C GLU A 722 26.99 2.14 -7.42
N ASP A 723 27.33 0.97 -6.90
CA ASP A 723 27.67 -0.16 -7.79
C ASP A 723 26.48 -0.89 -8.41
N GLU A 724 25.24 -0.42 -8.16
CA GLU A 724 24.09 -0.96 -8.85
C GLU A 724 23.59 -0.13 -10.07
N ILE A 725 24.18 1.03 -10.28
CA ILE A 725 23.81 1.96 -11.36
C ILE A 725 24.19 1.41 -12.72
N LYS A 726 23.20 1.30 -13.60
CA LYS A 726 23.43 0.75 -14.95
C LYS A 726 23.56 1.76 -16.09
N GLN A 727 23.37 3.04 -15.79
N GLN A 727 23.37 3.04 -15.79
CA GLN A 727 23.43 4.05 -16.85
CA GLN A 727 23.39 4.07 -16.85
C GLN A 727 24.02 5.36 -16.34
C GLN A 727 23.99 5.39 -16.35
N TYR A 728 25.00 5.88 -17.09
CA TYR A 728 25.68 7.13 -16.80
C TYR A 728 25.58 8.04 -18.02
N VAL A 729 25.78 9.33 -17.80
CA VAL A 729 25.81 10.29 -18.88
C VAL A 729 27.07 9.95 -19.68
N GLU A 730 26.93 9.79 -20.99
CA GLU A 730 28.02 9.27 -21.83
C GLU A 730 29.42 9.80 -21.48
N GLY A 731 30.32 8.87 -21.15
CA GLY A 731 31.73 9.14 -20.86
C GLY A 731 31.97 9.89 -19.57
N SER A 732 31.05 9.78 -18.61
CA SER A 732 31.21 10.44 -17.34
C SER A 732 30.89 9.46 -16.26
N SER A 733 31.15 9.89 -15.03
CA SER A 733 30.64 9.24 -13.86
C SER A 733 29.34 9.90 -13.34
N ILE A 734 28.64 10.66 -14.16
CA ILE A 734 27.32 11.19 -13.74
C ILE A 734 26.24 10.11 -13.89
N PRO A 735 25.70 9.60 -12.77
CA PRO A 735 24.66 8.54 -12.89
C PRO A 735 23.30 9.08 -13.31
N VAL A 736 22.53 8.27 -14.06
CA VAL A 736 21.24 8.66 -14.53
C VAL A 736 20.15 8.19 -13.57
N PRO A 737 19.36 9.12 -13.00
CA PRO A 737 18.26 8.65 -12.13
C PRO A 737 17.20 7.81 -12.88
N THR A 738 16.59 6.84 -12.21
CA THR A 738 15.44 6.13 -12.78
C THR A 738 14.15 6.94 -12.58
N HIS A 739 14.12 7.85 -11.60
CA HIS A 739 12.89 8.54 -11.23
C HIS A 739 13.27 9.89 -10.65
N TYR A 740 12.31 10.83 -10.66
CA TYR A 740 12.46 12.09 -9.92
C TYR A 740 11.27 12.27 -8.98
N TYR A 741 11.55 12.65 -7.73
CA TYR A 741 10.48 12.78 -6.74
C TYR A 741 10.24 14.26 -6.39
N SER A 742 9.04 14.54 -5.90
CA SER A 742 8.85 15.75 -5.10
C SER A 742 7.84 15.45 -3.99
N ILE A 743 8.11 16.08 -2.85
CA ILE A 743 7.24 16.11 -1.70
C ILE A 743 6.76 17.57 -1.49
N ILE A 744 5.45 17.77 -1.46
CA ILE A 744 4.89 19.10 -1.46
C ILE A 744 4.00 19.25 -0.23
N THR A 745 4.47 20.04 0.72
CA THR A 745 3.87 20.13 2.04
C THR A 745 3.31 21.55 2.23
N SER A 746 2.20 21.63 2.95
CA SER A 746 1.57 22.94 3.30
C SER A 746 0.82 22.74 4.62
N CYS A 747 0.11 23.78 5.08
CA CYS A 747 -0.65 23.71 6.30
C CYS A 747 -2.00 23.05 6.06
N LEU A 748 -2.35 22.07 6.87
CA LEU A 748 -3.66 21.47 6.74
C LEU A 748 -4.80 22.55 6.80
N ASP A 749 -4.66 23.51 7.71
CA ASP A 749 -5.56 24.66 7.77
C ASP A 749 -4.96 25.71 6.85
N PHE A 750 -5.51 25.77 5.66
CA PHE A 750 -4.94 26.57 4.56
C PHE A 750 -5.17 28.06 4.72
N THR A 751 -5.85 28.48 5.81
CA THR A 751 -5.92 29.89 6.19
C THR A 751 -4.59 30.33 6.75
N GLN A 752 -3.73 29.36 7.06
CA GLN A 752 -2.39 29.68 7.45
C GLN A 752 -1.45 29.39 6.31
N PRO A 753 -0.47 30.28 6.08
CA PRO A 753 0.45 30.08 4.96
C PRO A 753 1.44 28.94 5.30
N ALA A 754 1.92 28.21 4.29
CA ALA A 754 2.82 27.07 4.52
C ALA A 754 3.97 27.42 5.47
N ASP A 755 4.53 28.62 5.33
CA ASP A 755 5.67 28.97 6.18
C ASP A 755 5.34 29.48 7.58
N LYS A 756 4.07 29.59 7.92
CA LYS A 756 3.71 30.00 9.28
C LYS A 756 2.52 29.18 9.73
N CYS A 757 2.74 27.88 9.86
CA CYS A 757 1.68 26.95 10.11
C CYS A 757 1.85 26.46 11.54
N ASP A 758 0.80 26.54 12.33
CA ASP A 758 0.84 26.14 13.73
C ASP A 758 0.39 24.73 13.95
N GLY A 759 -0.30 24.12 13.01
CA GLY A 759 -0.91 22.85 13.27
C GLY A 759 -0.40 21.72 12.40
N PRO A 760 -1.26 20.75 12.17
CA PRO A 760 -1.02 19.60 11.27
C PRO A 760 -0.77 20.00 9.81
N LEU A 761 -0.05 19.13 9.10
CA LEU A 761 0.46 19.44 7.79
C LEU A 761 -0.36 18.68 6.78
N SER A 762 -0.28 19.11 5.53
CA SER A 762 -0.96 18.40 4.46
C SER A 762 0.16 18.11 3.45
N VAL A 763 0.19 16.92 2.84
CA VAL A 763 1.27 16.54 1.92
C VAL A 763 0.70 15.84 0.68
N SER A 764 1.29 16.09 -0.48
CA SER A 764 1.15 15.20 -1.65
C SER A 764 2.53 15.02 -2.26
N SER A 765 2.77 13.87 -2.86
CA SER A 765 4.12 13.58 -3.34
C SER A 765 3.99 12.76 -4.62
N PHE A 766 5.07 12.74 -5.41
CA PHE A 766 5.01 11.86 -6.56
C PHE A 766 6.40 11.31 -6.80
N ILE A 767 6.47 10.23 -7.55
CA ILE A 767 7.75 9.64 -7.99
C ILE A 767 7.59 9.43 -9.51
N LEU A 768 8.13 10.32 -10.31
CA LEU A 768 7.91 10.24 -11.77
C LEU A 768 8.98 9.40 -12.41
N PRO A 769 8.58 8.47 -13.29
CA PRO A 769 9.57 7.70 -14.02
C PRO A 769 10.40 8.60 -14.95
N HIS A 770 11.70 8.40 -14.95
CA HIS A 770 12.57 9.21 -15.78
C HIS A 770 12.74 8.47 -17.11
N ARG A 771 11.85 8.75 -18.04
CA ARG A 771 11.80 7.92 -19.25
C ARG A 771 12.19 8.74 -20.50
N PRO A 772 12.88 8.10 -21.46
CA PRO A 772 13.31 8.79 -22.69
C PRO A 772 12.19 9.04 -23.70
N ASP A 773 10.97 8.57 -23.42
CA ASP A 773 9.83 8.86 -24.28
C ASP A 773 8.60 9.07 -23.39
N ASN A 774 7.56 9.62 -23.98
CA ASN A 774 6.31 9.77 -23.30
C ASN A 774 5.22 8.80 -23.82
N ASP A 775 5.63 7.58 -24.16
CA ASP A 775 4.67 6.57 -24.64
C ASP A 775 3.56 6.20 -23.65
N GLU A 776 3.82 6.37 -22.35
CA GLU A 776 2.84 6.11 -21.33
C GLU A 776 1.65 7.09 -21.48
N SER A 777 1.87 8.32 -21.94
CA SER A 777 0.80 9.29 -22.05
C SER A 777 0.34 9.34 -23.53
N CYS A 778 -0.79 8.72 -23.84
CA CYS A 778 -1.28 8.66 -25.23
C CYS A 778 -1.58 10.06 -25.84
N ASN A 779 -1.81 11.06 -24.99
CA ASN A 779 -2.07 12.43 -25.40
C ASN A 779 -0.86 13.33 -25.46
N SER A 780 0.35 12.78 -25.45
CA SER A 780 1.53 13.60 -25.16
C SER A 780 1.90 14.50 -26.31
N SER A 781 1.37 14.25 -27.49
CA SER A 781 1.65 15.15 -28.63
CA SER A 781 1.62 15.14 -28.64
C SER A 781 0.92 16.48 -28.44
N GLU A 782 -0.09 16.50 -27.60
CA GLU A 782 -0.79 17.72 -27.27
C GLU A 782 0.01 18.59 -26.29
N ASP A 783 -0.52 19.78 -25.97
CA ASP A 783 0.08 20.67 -24.99
C ASP A 783 0.13 19.98 -23.62
N GLU A 784 1.24 20.21 -22.91
CA GLU A 784 1.47 19.71 -21.53
C GLU A 784 0.30 19.88 -20.59
N SER A 785 -0.46 20.97 -20.76
CA SER A 785 -1.67 21.21 -19.97
C SER A 785 -2.79 20.16 -20.17
N LYS A 786 -2.63 19.30 -21.18
CA LYS A 786 -3.61 18.23 -21.41
C LYS A 786 -3.18 16.85 -20.91
N TRP A 787 -1.94 16.69 -20.47
CA TRP A 787 -1.50 15.34 -20.10
C TRP A 787 -0.51 15.23 -18.96
N VAL A 788 0.24 16.28 -18.67
CA VAL A 788 1.26 16.17 -17.62
C VAL A 788 0.70 15.91 -16.23
N GLU A 789 -0.34 16.65 -15.84
CA GLU A 789 -0.82 16.53 -14.50
C GLU A 789 -1.46 15.13 -14.31
N GLU A 790 -2.14 14.62 -15.34
CA GLU A 790 -2.70 13.25 -15.31
C GLU A 790 -1.59 12.17 -15.03
N LEU A 791 -0.48 12.29 -15.74
CA LEU A 791 0.67 11.44 -15.49
C LEU A 791 1.15 11.56 -14.05
N MET A 792 1.35 12.78 -13.57
CA MET A 792 1.76 12.98 -12.19
C MET A 792 0.83 12.35 -11.17
N LYS A 793 -0.47 12.51 -11.38
CA LYS A 793 -1.46 11.88 -10.52
C LYS A 793 -1.34 10.37 -10.49
N MET A 794 -1.10 9.77 -11.64
CA MET A 794 -0.96 8.33 -11.71
CA MET A 794 -0.93 8.32 -11.74
C MET A 794 0.24 7.85 -10.86
N HIS A 795 1.24 8.74 -10.72
CA HIS A 795 2.51 8.40 -10.06
C HIS A 795 2.63 9.07 -8.68
N THR A 796 1.45 9.35 -8.10
CA THR A 796 1.37 9.85 -6.74
C THR A 796 2.03 8.81 -5.81
N ALA A 797 2.58 9.26 -4.69
CA ALA A 797 3.37 8.40 -3.82
C ALA A 797 3.22 8.83 -2.36
N ARG A 798 3.59 7.94 -1.43
CA ARG A 798 3.65 8.29 0.03
C ARG A 798 5.02 8.85 0.29
N VAL A 799 5.17 9.75 1.26
CA VAL A 799 6.53 10.14 1.67
C VAL A 799 7.38 8.88 1.97
N ARG A 800 6.77 7.89 2.62
CA ARG A 800 7.50 6.73 3.05
C ARG A 800 8.07 5.95 1.84
N ASP A 801 7.39 5.98 0.70
CA ASP A 801 7.91 5.31 -0.53
C ASP A 801 9.20 6.01 -0.98
N ILE A 802 9.17 7.33 -0.92
CA ILE A 802 10.38 8.10 -1.30
C ILE A 802 11.53 7.84 -0.32
N GLU A 803 11.19 7.74 0.98
CA GLU A 803 12.22 7.37 1.99
C GLU A 803 12.92 6.06 1.68
N HIS A 804 12.17 5.01 1.37
CA HIS A 804 12.80 3.71 1.04
C HIS A 804 13.72 3.89 -0.17
N LEU A 805 13.27 4.66 -1.15
CA LEU A 805 14.00 4.80 -2.42
C LEU A 805 15.23 5.72 -2.32
N THR A 806 15.34 6.47 -1.23
CA THR A 806 16.44 7.49 -1.10
C THR A 806 17.32 7.28 0.12
N GLY A 807 16.87 6.51 1.09
CA GLY A 807 17.58 6.37 2.36
C GLY A 807 17.61 7.70 3.10
N LEU A 808 16.59 8.54 2.84
CA LEU A 808 16.43 9.81 3.60
C LEU A 808 15.32 9.67 4.61
N ASP A 809 15.36 10.46 5.67
CA ASP A 809 14.22 10.54 6.58
C ASP A 809 13.77 12.02 6.72
N PHE A 810 12.50 12.31 6.44
CA PHE A 810 11.99 13.69 6.35
C PHE A 810 11.26 14.11 7.64
N TYR A 811 10.87 15.37 7.74
CA TYR A 811 10.08 15.89 8.86
C TYR A 811 10.75 15.66 10.20
N ARG A 812 12.08 15.84 10.24
CA ARG A 812 12.82 15.59 11.46
C ARG A 812 12.52 16.64 12.51
N LYS A 813 12.15 17.86 12.11
CA LYS A 813 11.92 18.98 13.10
C LYS A 813 10.60 19.69 12.89
N THR A 814 9.60 19.31 13.64
CA THR A 814 8.27 19.90 13.49
C THR A 814 7.76 20.05 14.90
N SER A 815 6.61 20.66 15.04
CA SER A 815 6.07 20.79 16.37
C SER A 815 5.09 19.63 16.58
N ARG A 816 5.04 18.69 15.64
CA ARG A 816 4.01 17.61 15.66
C ARG A 816 4.52 16.35 16.35
N SER A 817 3.65 15.56 16.97
CA SER A 817 4.09 14.33 17.59
C SER A 817 4.62 13.34 16.50
N TYR A 818 5.56 12.47 16.86
CA TYR A 818 6.14 11.52 15.88
C TYR A 818 5.13 10.56 15.29
N SER A 819 4.18 10.06 16.09
CA SER A 819 3.11 9.20 15.59
CA SER A 819 3.14 9.18 15.57
C SER A 819 2.31 9.89 14.49
N GLU A 820 1.98 11.15 14.71
CA GLU A 820 1.23 11.93 13.73
C GLU A 820 2.04 12.08 12.43
N ILE A 821 3.31 12.39 12.59
CA ILE A 821 4.25 12.49 11.44
C ILE A 821 4.35 11.14 10.70
N LEU A 822 4.38 10.02 11.43
CA LEU A 822 4.37 8.69 10.78
C LEU A 822 3.08 8.46 9.96
N THR A 823 1.91 8.83 10.49
CA THR A 823 0.69 8.86 9.68
C THR A 823 0.81 9.72 8.40
N LEU A 824 1.31 10.94 8.57
CA LEU A 824 1.52 11.83 7.42
C LEU A 824 2.42 11.17 6.38
N LYS A 825 3.48 10.47 6.83
CA LYS A 825 4.41 9.88 5.85
C LYS A 825 3.75 8.69 5.12
N THR A 826 2.75 8.04 5.74
CA THR A 826 2.03 6.98 5.04
C THR A 826 0.88 7.45 4.14
N TYR A 827 0.47 8.72 4.26
CA TYR A 827 -0.63 9.25 3.45
C TYR A 827 -0.31 9.15 1.92
N LEU A 828 -1.35 8.81 1.16
CA LEU A 828 -1.28 8.82 -0.31
C LEU A 828 -2.44 9.68 -0.83
N HIS A 829 -2.13 10.70 -1.62
CA HIS A 829 -3.16 11.53 -2.22
C HIS A 829 -3.62 10.73 -3.47
N THR A 830 -4.85 10.24 -3.50
CA THR A 830 -5.26 9.34 -4.61
C THR A 830 -5.95 9.99 -5.79
N TYR A 831 -6.53 11.19 -5.61
CA TYR A 831 -7.21 11.89 -6.70
C TYR A 831 -8.47 11.22 -7.21
N GLU A 832 -8.96 10.23 -6.48
CA GLU A 832 -10.28 9.64 -6.74
C GLU A 832 -11.32 10.63 -6.22
N SER A 833 -12.53 10.60 -6.77
CA SER A 833 -13.64 11.35 -6.14
C SER A 833 -14.22 10.54 -4.94
N GLU A 834 -15.44 10.88 -4.48
CA GLU A 834 -16.03 10.21 -3.31
C GLU A 834 -17.19 9.30 -3.69
C1 NAG B . 9.18 -4.80 2.62
C2 NAG B . 10.40 -4.13 2.01
C3 NAG B . 11.39 -5.23 1.63
C4 NAG B . 11.74 -6.17 2.78
C5 NAG B . 10.49 -6.63 3.52
C6 NAG B . 10.84 -7.35 4.84
C7 NAG B . 10.16 -2.07 0.71
C8 NAG B . 9.78 -1.41 -0.60
N2 NAG B . 10.01 -3.40 0.80
O3 NAG B . 12.57 -4.63 1.11
O4 NAG B . 12.32 -7.36 2.23
O5 NAG B . 9.66 -5.50 3.79
O6 NAG B . 11.50 -6.42 5.72
O7 NAG B . 10.58 -1.41 1.69
C1 NAG B . 13.58 -7.69 2.78
C2 NAG B . 13.72 -9.20 2.51
C3 NAG B . 15.10 -9.67 2.92
C4 NAG B . 16.21 -8.77 2.31
C5 NAG B . 15.94 -7.27 2.50
C6 NAG B . 16.95 -6.45 1.67
C7 NAG B . 11.51 -10.38 2.55
C8 NAG B . 10.49 -11.21 3.32
N2 NAG B . 12.66 -9.99 3.16
O3 NAG B . 15.25 -11.02 2.55
O4 NAG B . 17.45 -9.03 2.91
O5 NAG B . 14.60 -6.95 2.11
O6 NAG B . 16.69 -6.63 0.29
O7 NAG B . 11.21 -10.09 1.39
C1 BMA B . 18.18 -10.06 2.19
C2 BMA B . 19.64 -9.68 2.29
C3 BMA B . 20.53 -10.81 1.70
C4 BMA B . 20.16 -12.18 2.31
C5 BMA B . 18.65 -12.42 2.21
C6 BMA B . 18.22 -13.71 2.94
O2 BMA B . 19.83 -9.45 3.68
O3 BMA B . 21.93 -10.54 1.84
O4 BMA B . 20.83 -13.21 1.63
O5 BMA B . 17.96 -11.33 2.79
O6 BMA B . 17.06 -14.12 2.23
C1 MAN B . 16.30 -15.20 2.85
C2 MAN B . 15.00 -15.38 2.04
C3 MAN B . 13.96 -14.31 2.46
C4 MAN B . 13.75 -14.39 3.98
C5 MAN B . 15.09 -14.11 4.69
C6 MAN B . 14.94 -14.12 6.23
O2 MAN B . 14.49 -16.68 2.27
O3 MAN B . 12.68 -14.47 1.87
O4 MAN B . 12.67 -13.58 4.39
O5 MAN B . 16.02 -15.10 4.26
O6 MAN B . 14.30 -15.34 6.58
C1 MAN B . 12.62 -14.21 0.45
C2 MAN B . 11.21 -13.71 0.07
C3 MAN B . 10.15 -14.83 0.26
C4 MAN B . 10.61 -16.17 -0.39
C5 MAN B . 12.08 -16.44 0.04
C6 MAN B . 12.66 -17.80 -0.35
O2 MAN B . 11.23 -13.35 -1.30
O3 MAN B . 8.87 -14.44 -0.23
O4 MAN B . 9.79 -17.25 0.01
O5 MAN B . 12.91 -15.34 -0.36
O6 MAN B . 12.67 -17.90 -1.76
C1 MAN B . 11.38 -11.94 -1.52
C2 MAN B . 10.96 -11.63 -2.96
C3 MAN B . 12.06 -12.04 -3.95
C4 MAN B . 13.45 -11.56 -3.53
C5 MAN B . 13.75 -11.90 -2.04
C6 MAN B . 15.12 -11.36 -1.55
O2 MAN B . 10.65 -10.25 -3.08
O3 MAN B . 11.72 -11.56 -5.22
O4 MAN B . 14.46 -12.10 -4.38
O5 MAN B . 12.68 -11.43 -1.20
O6 MAN B . 15.45 -11.78 -0.23
C1 MAN B . 14.10 -15.55 8.00
C2 MAN B . 13.53 -16.97 8.18
C3 MAN B . 12.06 -16.94 7.72
C4 MAN B . 11.27 -15.93 8.58
C5 MAN B . 11.86 -14.53 8.35
C6 MAN B . 11.21 -13.42 9.20
O2 MAN B . 13.69 -17.38 9.54
O3 MAN B . 11.48 -18.22 7.68
O4 MAN B . 9.88 -16.01 8.35
O5 MAN B . 13.27 -14.57 8.64
O6 MAN B . 11.01 -12.23 8.46
C1 MAN B . 22.68 -10.47 0.58
C2 MAN B . 24.18 -10.73 0.84
C3 MAN B . 24.65 -9.66 1.82
C4 MAN B . 24.42 -8.24 1.26
C5 MAN B . 23.01 -8.08 0.67
C6 MAN B . 22.96 -6.82 -0.20
O2 MAN B . 24.90 -10.66 -0.40
O3 MAN B . 25.98 -9.87 2.22
O4 MAN B . 24.64 -7.23 2.24
O5 MAN B . 22.56 -9.22 -0.09
O6 MAN B . 21.71 -6.72 -0.85
C1 MAN B . 25.82 -11.77 -0.61
C2 MAN B . 26.92 -11.45 -1.64
C3 MAN B . 26.33 -11.26 -3.05
C4 MAN B . 25.16 -12.22 -3.38
C5 MAN B . 24.64 -13.16 -2.25
C6 MAN B . 24.76 -14.63 -2.68
O2 MAN B . 27.88 -12.49 -1.67
O3 MAN B . 27.32 -11.39 -4.06
O4 MAN B . 24.09 -11.44 -3.83
O5 MAN B . 25.24 -13.03 -0.95
O6 MAN B . 23.98 -15.46 -1.84
C10 XXI C . -6.81 -22.26 1.61
C13 XXI C . -9.07 -20.36 2.46
C16 XXI C . -2.34 -24.30 2.98
C17 XXI C . -1.58 -23.11 2.31
C18 XXI C . -0.08 -23.12 2.71
C20 XXI C . -0.71 -24.28 4.91
C21 XXI C . -2.21 -24.27 4.55
C22 XXI C . -9.44 -18.17 3.32
C23 XXI C . -8.06 -17.65 3.65
C24 XXI C . -10.09 -18.62 0.96
C25 XXI C . -7.07 -17.45 2.64
C26 XXI C . -5.84 -16.88 3.02
C27 XXI C . -5.59 -16.53 4.38
C28 XXI C . -6.60 -16.75 5.37
C1 XXI C . -3.80 -24.38 2.65
C2 XXI C . -4.45 -25.62 2.95
C3 XXI C . -5.82 -25.76 2.86
C4 XXI C . -6.61 -24.63 2.43
C5 XXI C . -5.96 -23.40 2.07
C6 XXI C . -4.56 -23.30 2.17
N7 XXI C . -8.05 -24.75 2.42
C8 XXI C . -8.76 -23.72 2.06
N9 XXI C . -8.21 -22.48 1.64
O11 XXI C . -6.39 -21.20 1.17
C12 XXI C . -9.16 -21.42 1.30
N14 XXI C . -9.39 -19.05 2.19
O15 XXI C . -8.72 -20.68 3.59
N19 XXI C . -0.01 -23.14 4.22
C29 XXI C . -7.83 -17.32 5.01
CL30 XXI C . -4.65 -16.53 1.80
C31 XXI C . 0.54 -22.08 5.00
C32 XXI C . 1.16 -20.88 4.31
O33 XXI C . 0.52 -22.14 6.25
C34 XXI C . -4.36 -15.93 4.78
N35 XXI C . -3.34 -15.45 5.11
CL CL D . -4.07 -12.97 -10.52
C ACT E . -8.42 2.70 -13.28
O ACT E . -8.10 3.83 -12.81
OXT ACT E . -9.54 2.51 -13.81
CH3 ACT E . -7.43 1.55 -13.23
C ACT F . -17.48 6.86 7.28
O ACT F . -17.07 7.08 8.45
OXT ACT F . -17.72 5.71 6.88
CH3 ACT F . -17.70 8.02 6.35
ZN ZN G . -13.57 -12.50 -5.88
NA NA H . 2.75 9.53 -26.04
CA CA I . 17.17 -0.59 -5.66
K K J . 22.88 16.05 -24.86
#